data_6K8D
#
_entry.id   6K8D
#
_cell.length_a   110.525
_cell.length_b   114.382
_cell.length_c   114.374
_cell.angle_alpha   90.000
_cell.angle_beta   90.000
_cell.angle_gamma   90.000
#
_symmetry.space_group_name_H-M   'P 21 21 21'
#
loop_
_entity.id
_entity.type
_entity.pdbx_description
1 polymer 'UTP--glucose-1-phosphate uridylyltransferase'
2 non-polymer "URIDINE-5'-DIPHOSPHATE-GLUCOSE"
3 non-polymer 'SULFATE ION'
4 non-polymer 1,2-ETHANEDIOL
5 non-polymer GLYCEROL
6 water water
#
_entity_poly.entity_id   1
_entity_poly.type   'polypeptide(L)'
_entity_poly.pdbx_seq_one_letter_code
;MIKKAVLPVAGLGTRFLPASKSIPKEMVTVVDRPAIEYVVREAVEAGIEQIILVTHSSKASIENYFDRNFELETTLEQKK
KFDLLAEITQIVPEHVSVISVRQPQPLGLGHAVLCAKSVVGEDDFAVLLPDVLVKDGSGQNDLSRMISRYNSSQAAQIMV
EAVPDHLVDQYGIVDVAQSPNEGESIAMQGIVEKPPVGAAPSNLSVVGRYVLPAKIMQLLENTPKGAGNEIQLTDAIAML
QDTDTVEAYRMQGQTFDCGSKLGYLKAVLHYGLEHPKLGMEFKQLILELK
;
_entity_poly.pdbx_strand_id   A,B,C,D
#
# COMPACT_ATOMS: atom_id res chain seq x y z
N MET A 1 -35.79 2.16 -5.49
CA MET A 1 -35.70 3.28 -6.47
C MET A 1 -34.43 4.13 -6.21
N ILE A 2 -34.13 4.48 -4.95
CA ILE A 2 -32.84 5.13 -4.54
C ILE A 2 -31.93 4.08 -3.90
N LYS A 3 -30.89 3.65 -4.63
CA LYS A 3 -30.04 2.47 -4.33
C LYS A 3 -28.57 2.88 -4.15
N LYS A 4 -28.09 3.87 -4.90
CA LYS A 4 -26.67 4.30 -4.92
C LYS A 4 -26.45 5.42 -3.92
N ALA A 5 -25.40 5.34 -3.11
CA ALA A 5 -24.96 6.40 -2.17
C ALA A 5 -23.50 6.76 -2.47
N VAL A 6 -23.18 8.05 -2.60
CA VAL A 6 -21.78 8.57 -2.73
C VAL A 6 -21.25 8.88 -1.32
N LEU A 7 -20.11 8.29 -0.94
CA LEU A 7 -19.29 8.72 0.23
C LEU A 7 -18.02 9.40 -0.29
N PRO A 8 -17.88 10.73 -0.11
CA PRO A 8 -16.61 11.40 -0.35
C PRO A 8 -15.66 11.14 0.83
N VAL A 9 -14.51 10.52 0.56
CA VAL A 9 -13.52 10.07 1.57
C VAL A 9 -12.12 10.47 1.13
N ALA A 10 -12.01 11.49 0.27
CA ALA A 10 -10.78 11.85 -0.48
C ALA A 10 -10.00 12.95 0.25
N GLY A 11 -10.58 13.51 1.30
CA GLY A 11 -9.90 14.51 2.14
C GLY A 11 -8.71 13.89 2.86
N LEU A 12 -7.64 14.66 3.08
CA LEU A 12 -6.48 14.27 3.90
C LEU A 12 -6.87 14.40 5.38
N GLY A 13 -5.93 14.20 6.31
CA GLY A 13 -6.20 14.28 7.76
C GLY A 13 -6.63 15.68 8.21
N THR A 14 -5.69 16.63 8.20
CA THR A 14 -5.79 18.04 8.67
C THR A 14 -6.67 18.12 9.92
N ARG A 15 -7.99 18.21 9.78
CA ARG A 15 -8.90 18.34 10.94
C ARG A 15 -8.38 17.48 12.11
N PHE A 16 -7.85 16.29 11.83
CA PHE A 16 -7.71 15.12 12.75
C PHE A 16 -6.26 14.62 12.80
N LEU A 17 -5.27 15.50 12.67
CA LEU A 17 -4.10 15.21 11.80
C LEU A 17 -3.13 14.18 12.38
N PRO A 18 -2.78 14.17 13.68
CA PRO A 18 -1.71 13.25 14.13
C PRO A 18 -2.13 11.77 13.96
N ALA A 19 -3.37 11.46 14.38
CA ALA A 19 -4.05 10.15 14.25
C ALA A 19 -4.06 9.70 12.79
N SER A 20 -4.60 10.56 11.92
CA SER A 20 -4.88 10.31 10.49
C SER A 20 -3.69 10.67 9.59
N LYS A 21 -2.47 10.69 10.13
CA LYS A 21 -1.25 10.98 9.33
C LYS A 21 -1.01 9.81 8.37
N SER A 22 -0.86 8.59 8.90
CA SER A 22 -0.40 7.39 8.15
C SER A 22 -1.53 6.37 7.89
N ILE A 23 -2.75 6.62 8.38
CA ILE A 23 -3.99 5.87 8.00
C ILE A 23 -5.08 6.89 7.70
N PRO A 24 -6.12 6.57 6.91
CA PRO A 24 -7.22 7.52 6.66
C PRO A 24 -7.92 7.95 7.96
N LYS A 25 -8.56 9.11 7.97
CA LYS A 25 -9.38 9.58 9.12
C LYS A 25 -10.61 8.67 9.23
N GLU A 26 -11.15 8.27 8.08
CA GLU A 26 -12.41 7.49 7.97
C GLU A 26 -12.22 6.17 8.72
N MET A 27 -10.98 5.72 8.87
CA MET A 27 -10.61 4.36 9.36
C MET A 27 -10.28 4.39 10.87
N VAL A 28 -10.31 5.56 11.52
CA VAL A 28 -9.95 5.68 12.96
C VAL A 28 -11.02 4.96 13.78
N THR A 29 -10.60 4.44 14.93
CA THR A 29 -11.29 3.37 15.71
C THR A 29 -12.25 4.02 16.70
N VAL A 30 -13.55 3.83 16.46
CA VAL A 30 -14.69 4.23 17.34
C VAL A 30 -15.14 3.00 18.14
N VAL A 31 -14.62 2.86 19.36
CA VAL A 31 -14.82 1.72 20.30
C VAL A 31 -14.00 0.52 19.83
N ASP A 32 -14.30 -0.03 18.64
CA ASP A 32 -13.69 -1.32 18.18
C ASP A 32 -13.67 -1.46 16.65
N ARG A 33 -14.34 -0.56 15.92
CA ARG A 33 -14.58 -0.69 14.46
C ARG A 33 -14.35 0.69 13.84
N PRO A 34 -13.76 0.78 12.62
CA PRO A 34 -13.54 2.08 11.98
C PRO A 34 -14.84 2.86 11.76
N ALA A 35 -14.76 4.18 11.79
CA ALA A 35 -15.90 5.11 11.64
C ALA A 35 -16.69 4.75 10.37
N ILE A 36 -16.01 4.62 9.23
CA ILE A 36 -16.63 4.41 7.88
C ILE A 36 -17.77 3.37 8.00
N GLU A 37 -17.59 2.32 8.80
CA GLU A 37 -18.55 1.18 8.92
C GLU A 37 -19.90 1.66 9.47
N TYR A 38 -19.89 2.57 10.44
CA TYR A 38 -21.14 3.14 10.99
C TYR A 38 -21.88 3.82 9.82
N VAL A 39 -21.13 4.49 8.95
CA VAL A 39 -21.68 5.25 7.78
C VAL A 39 -22.26 4.24 6.77
N VAL A 40 -21.50 3.20 6.41
CA VAL A 40 -21.92 2.21 5.39
C VAL A 40 -23.17 1.50 5.92
N ARG A 41 -23.12 1.00 7.16
CA ARG A 41 -24.24 0.25 7.78
C ARG A 41 -25.47 1.16 7.78
N GLU A 42 -25.30 2.46 8.01
CA GLU A 42 -26.42 3.43 7.98
C GLU A 42 -27.07 3.39 6.59
N ALA A 43 -26.28 3.50 5.51
CA ALA A 43 -26.72 3.46 4.10
C ALA A 43 -27.49 2.16 3.85
N VAL A 44 -26.80 1.05 4.16
CA VAL A 44 -27.27 -0.36 4.02
C VAL A 44 -28.67 -0.49 4.61
N GLU A 45 -28.84 -0.11 5.89
CA GLU A 45 -30.14 -0.18 6.64
C GLU A 45 -31.21 0.70 5.99
N ALA A 46 -30.92 1.34 4.84
CA ALA A 46 -31.84 2.23 4.11
C ALA A 46 -31.99 1.77 2.66
N GLY A 47 -31.63 0.52 2.37
CA GLY A 47 -31.81 -0.09 1.04
C GLY A 47 -30.83 0.48 0.03
N ILE A 48 -29.61 0.75 0.46
CA ILE A 48 -28.49 1.15 -0.45
C ILE A 48 -27.74 -0.12 -0.83
N GLU A 49 -27.60 -0.37 -2.12
CA GLU A 49 -27.03 -1.62 -2.68
C GLU A 49 -25.65 -1.35 -3.28
N GLN A 50 -25.37 -0.10 -3.66
CA GLN A 50 -24.09 0.33 -4.30
C GLN A 50 -23.48 1.49 -3.49
N ILE A 51 -22.39 1.22 -2.79
CA ILE A 51 -21.54 2.21 -2.06
C ILE A 51 -20.51 2.76 -3.04
N ILE A 52 -20.49 4.06 -3.28
CA ILE A 52 -19.55 4.69 -4.27
C ILE A 52 -18.55 5.55 -3.51
N LEU A 53 -17.48 4.96 -2.99
CA LEU A 53 -16.38 5.71 -2.35
C LEU A 53 -15.77 6.62 -3.42
N VAL A 54 -15.67 7.92 -3.14
CA VAL A 54 -14.80 8.88 -3.90
C VAL A 54 -13.54 9.08 -3.06
N THR A 55 -12.50 8.33 -3.40
CA THR A 55 -11.34 8.05 -2.52
C THR A 55 -10.09 8.75 -3.08
N HIS A 56 -9.02 8.76 -2.28
CA HIS A 56 -7.69 9.34 -2.60
C HIS A 56 -6.66 8.21 -2.68
N SER A 57 -5.50 8.47 -3.30
CA SER A 57 -4.45 7.47 -3.61
C SER A 57 -3.97 6.71 -2.36
N SER A 58 -4.31 7.20 -1.16
CA SER A 58 -3.73 6.80 0.16
C SER A 58 -4.79 6.24 1.13
N LYS A 59 -5.85 5.63 0.61
CA LYS A 59 -7.05 5.25 1.38
C LYS A 59 -7.43 3.81 1.00
N ALA A 60 -6.43 3.02 0.64
CA ALA A 60 -6.60 1.61 0.22
C ALA A 60 -7.31 0.85 1.35
N SER A 61 -6.95 1.13 2.60
CA SER A 61 -7.50 0.47 3.81
C SER A 61 -9.03 0.62 3.89
N ILE A 62 -9.61 1.69 3.35
CA ILE A 62 -11.10 1.79 3.28
C ILE A 62 -11.62 0.71 2.31
N GLU A 63 -11.04 0.61 1.11
CA GLU A 63 -11.48 -0.39 0.09
C GLU A 63 -11.32 -1.80 0.70
N ASN A 64 -10.15 -2.06 1.29
CA ASN A 64 -9.76 -3.40 1.82
C ASN A 64 -10.65 -3.80 2.99
N TYR A 65 -11.18 -2.83 3.74
CA TYR A 65 -12.04 -3.13 4.91
C TYR A 65 -13.27 -3.90 4.44
N PHE A 66 -13.88 -3.50 3.32
CA PHE A 66 -15.15 -4.08 2.81
C PHE A 66 -14.84 -5.26 1.90
N ASP A 67 -13.59 -5.73 1.89
CA ASP A 67 -13.10 -6.79 0.97
C ASP A 67 -12.52 -7.95 1.81
N ARG A 68 -12.45 -9.14 1.23
CA ARG A 68 -11.97 -10.35 1.93
C ARG A 68 -10.45 -10.27 2.03
N ASN A 69 -9.86 -10.89 3.06
CA ASN A 69 -8.43 -10.77 3.43
C ASN A 69 -7.84 -12.17 3.70
N PHE A 70 -7.27 -12.81 2.67
CA PHE A 70 -6.91 -14.26 2.65
C PHE A 70 -6.05 -14.58 3.87
N GLU A 71 -4.98 -13.80 4.09
CA GLU A 71 -4.00 -14.09 5.16
C GLU A 71 -4.70 -14.05 6.53
N LEU A 72 -5.71 -13.19 6.71
CA LEU A 72 -6.36 -13.00 8.04
C LEU A 72 -7.45 -14.04 8.24
N GLU A 73 -8.12 -14.45 7.16
CA GLU A 73 -9.20 -15.48 7.20
C GLU A 73 -8.57 -16.81 7.59
N THR A 74 -7.42 -17.14 7.01
CA THR A 74 -6.79 -18.47 7.21
C THR A 74 -6.16 -18.49 8.61
N THR A 75 -5.67 -17.36 9.13
CA THR A 75 -5.13 -17.30 10.51
C THR A 75 -6.29 -17.49 11.49
N LEU A 76 -7.49 -17.02 11.12
CA LEU A 76 -8.71 -17.11 11.96
C LEU A 76 -9.31 -18.52 11.85
N GLU A 77 -8.81 -19.37 10.97
CA GLU A 77 -9.19 -20.81 10.93
C GLU A 77 -8.17 -21.65 11.72
N GLN A 78 -6.86 -21.38 11.50
CA GLN A 78 -5.73 -22.11 12.15
C GLN A 78 -5.79 -21.93 13.66
N LYS A 79 -6.17 -20.74 14.16
CA LYS A 79 -6.90 -20.58 15.45
C LYS A 79 -8.38 -20.78 15.13
N LYS A 80 -9.09 -21.67 15.82
CA LYS A 80 -10.45 -22.11 15.40
C LYS A 80 -11.46 -21.03 15.83
N LYS A 81 -11.24 -19.77 15.46
CA LYS A 81 -12.08 -18.61 15.89
C LYS A 81 -13.04 -18.24 14.76
N PHE A 82 -14.11 -19.04 14.58
CA PHE A 82 -15.15 -18.89 13.54
C PHE A 82 -16.17 -17.83 13.97
N ASP A 83 -16.10 -17.44 15.26
CA ASP A 83 -16.65 -16.18 15.82
C ASP A 83 -16.39 -15.03 14.81
N LEU A 84 -15.22 -14.40 14.91
CA LEU A 84 -14.86 -13.16 14.16
C LEU A 84 -14.89 -13.45 12.67
N LEU A 85 -14.48 -14.66 12.25
CA LEU A 85 -14.37 -15.00 10.81
C LEU A 85 -15.70 -14.71 10.11
N ALA A 86 -16.81 -14.63 10.85
CA ALA A 86 -18.13 -14.23 10.34
C ALA A 86 -18.25 -12.69 10.29
N GLU A 87 -17.81 -12.00 11.35
CA GLU A 87 -17.90 -10.51 11.44
C GLU A 87 -16.97 -9.87 10.39
N ILE A 88 -15.80 -10.49 10.09
CA ILE A 88 -14.79 -9.93 9.13
C ILE A 88 -15.13 -10.37 7.71
N THR A 89 -16.10 -11.26 7.50
CA THR A 89 -16.43 -11.77 6.15
C THR A 89 -17.78 -11.23 5.70
N GLN A 90 -18.71 -11.05 6.63
CA GLN A 90 -20.01 -10.34 6.40
C GLN A 90 -19.94 -8.99 7.13
N ILE A 91 -19.06 -8.10 6.67
CA ILE A 91 -19.09 -6.65 7.04
C ILE A 91 -20.30 -6.03 6.34
N VAL A 92 -20.66 -6.57 5.17
CA VAL A 92 -21.70 -6.01 4.28
C VAL A 92 -22.41 -7.19 3.61
N PRO A 93 -23.75 -7.16 3.46
CA PRO A 93 -24.45 -8.20 2.71
C PRO A 93 -23.88 -8.48 1.31
N GLU A 94 -24.15 -9.67 0.77
CA GLU A 94 -23.61 -10.15 -0.54
C GLU A 94 -24.24 -9.35 -1.68
N HIS A 95 -25.44 -8.79 -1.47
CA HIS A 95 -26.18 -8.05 -2.52
C HIS A 95 -25.59 -6.64 -2.66
N VAL A 96 -24.88 -6.17 -1.62
CA VAL A 96 -24.25 -4.81 -1.57
C VAL A 96 -22.83 -4.85 -2.12
N SER A 97 -22.59 -4.12 -3.21
CA SER A 97 -21.24 -3.85 -3.78
C SER A 97 -20.62 -2.57 -3.17
N VAL A 98 -19.34 -2.33 -3.48
CA VAL A 98 -18.53 -1.15 -3.06
C VAL A 98 -17.62 -0.75 -4.22
N ILE A 99 -17.71 0.49 -4.68
CA ILE A 99 -17.17 1.02 -5.97
C ILE A 99 -16.15 2.12 -5.66
N SER A 100 -14.93 2.01 -6.20
CA SER A 100 -13.85 3.02 -6.01
C SER A 100 -13.76 3.95 -7.21
N VAL A 101 -13.81 5.25 -6.98
CA VAL A 101 -13.45 6.29 -7.98
C VAL A 101 -12.53 7.32 -7.29
N ARG A 102 -11.55 7.83 -8.04
CA ARG A 102 -10.48 8.73 -7.54
C ARG A 102 -10.83 10.21 -7.79
N GLN A 103 -10.67 11.04 -6.76
CA GLN A 103 -10.54 12.51 -6.91
C GLN A 103 -9.08 12.85 -7.21
N PRO A 104 -8.81 13.52 -8.36
CA PRO A 104 -7.43 13.82 -8.78
C PRO A 104 -6.72 14.82 -7.88
N GLN A 105 -7.43 15.90 -7.50
CA GLN A 105 -7.00 16.94 -6.51
C GLN A 105 -8.14 17.26 -5.56
N PRO A 106 -7.84 17.63 -4.30
CA PRO A 106 -8.87 17.98 -3.33
C PRO A 106 -9.47 19.38 -3.56
N LEU A 107 -10.28 19.53 -4.60
CA LEU A 107 -10.94 20.81 -4.98
C LEU A 107 -12.28 20.94 -4.25
N GLY A 108 -12.58 20.06 -3.30
CA GLY A 108 -13.72 20.22 -2.38
C GLY A 108 -14.95 19.38 -2.73
N LEU A 109 -15.74 19.05 -1.69
CA LEU A 109 -16.96 18.19 -1.73
C LEU A 109 -17.62 18.19 -3.11
N GLY A 110 -18.09 19.34 -3.59
CA GLY A 110 -18.73 19.47 -4.91
C GLY A 110 -18.00 18.69 -5.98
N HIS A 111 -16.74 19.01 -6.23
CA HIS A 111 -15.83 18.25 -7.13
C HIS A 111 -15.84 16.75 -6.75
N ALA A 112 -15.67 16.43 -5.47
CA ALA A 112 -15.69 15.03 -4.97
C ALA A 112 -16.96 14.32 -5.48
N VAL A 113 -18.14 14.75 -5.04
CA VAL A 113 -19.44 14.22 -5.57
C VAL A 113 -19.36 14.13 -7.10
N LEU A 114 -18.98 15.19 -7.81
CA LEU A 114 -18.97 15.19 -9.31
C LEU A 114 -18.08 14.07 -9.88
N CYS A 115 -17.18 13.48 -9.10
CA CYS A 115 -16.27 12.40 -9.59
C CYS A 115 -17.05 11.09 -9.72
N ALA A 116 -18.10 10.91 -8.91
CA ALA A 116 -18.98 9.72 -8.90
C ALA A 116 -20.05 9.89 -9.98
N LYS A 117 -19.88 10.82 -10.92
CA LYS A 117 -20.92 11.15 -11.92
C LYS A 117 -21.14 9.92 -12.81
N SER A 118 -20.07 9.42 -13.43
CA SER A 118 -20.11 8.27 -14.40
C SER A 118 -20.76 7.04 -13.76
N VAL A 119 -20.60 6.82 -12.45
CA VAL A 119 -21.20 5.64 -11.75
C VAL A 119 -22.69 5.90 -11.53
N VAL A 120 -23.05 7.06 -10.95
CA VAL A 120 -24.45 7.46 -10.64
C VAL A 120 -25.24 7.50 -11.94
N GLY A 121 -24.57 7.91 -13.03
CA GLY A 121 -25.15 8.00 -14.38
C GLY A 121 -26.45 8.77 -14.35
N GLU A 122 -27.59 8.06 -14.26
CA GLU A 122 -28.96 8.60 -14.51
C GLU A 122 -29.89 8.47 -13.29
N ASP A 123 -29.45 7.77 -12.24
CA ASP A 123 -30.32 7.40 -11.10
C ASP A 123 -30.28 8.54 -10.09
N ASP A 124 -31.34 8.65 -9.29
CA ASP A 124 -31.39 9.52 -8.09
C ASP A 124 -30.58 8.83 -7.00
N PHE A 125 -29.67 9.56 -6.33
CA PHE A 125 -28.68 9.00 -5.38
C PHE A 125 -28.67 9.76 -4.04
N ALA A 126 -28.32 9.07 -2.96
CA ALA A 126 -28.00 9.68 -1.65
C ALA A 126 -26.55 10.15 -1.65
N VAL A 127 -26.18 10.97 -0.65
CA VAL A 127 -24.77 11.36 -0.35
C VAL A 127 -24.65 11.37 1.17
N LEU A 128 -23.70 10.63 1.73
CA LEU A 128 -23.42 10.65 3.19
C LEU A 128 -21.99 11.10 3.44
N LEU A 129 -21.82 12.23 4.09
CA LEU A 129 -20.50 12.71 4.57
C LEU A 129 -20.05 11.76 5.67
N PRO A 130 -18.92 11.03 5.49
CA PRO A 130 -18.49 10.01 6.44
C PRO A 130 -17.72 10.61 7.64
N ASP A 131 -17.64 11.95 7.66
CA ASP A 131 -17.15 12.75 8.81
C ASP A 131 -18.17 12.71 9.95
N VAL A 132 -19.44 12.42 9.64
CA VAL A 132 -20.60 12.57 10.56
C VAL A 132 -21.26 11.20 10.76
N LEU A 133 -21.37 10.73 12.01
CA LEU A 133 -22.17 9.52 12.38
C LEU A 133 -23.54 10.00 12.85
N VAL A 134 -24.54 9.12 12.91
CA VAL A 134 -25.97 9.47 13.12
C VAL A 134 -26.67 8.37 13.92
N LYS A 135 -26.36 8.24 15.21
CA LYS A 135 -27.00 7.25 16.13
C LYS A 135 -28.51 7.48 16.12
N ASP A 136 -29.28 6.44 15.80
CA ASP A 136 -30.76 6.45 15.70
C ASP A 136 -31.31 5.61 16.86
N GLY A 137 -32.60 5.24 16.81
CA GLY A 137 -33.23 4.33 17.78
C GLY A 137 -34.35 3.50 17.17
N SER A 138 -35.54 3.57 17.77
CA SER A 138 -36.72 2.69 17.54
C SER A 138 -37.22 2.79 16.09
N GLY A 139 -37.35 1.65 15.40
CA GLY A 139 -37.84 1.54 14.01
C GLY A 139 -36.74 1.87 13.01
N GLN A 140 -37.09 2.56 11.92
CA GLN A 140 -36.14 2.95 10.84
C GLN A 140 -35.15 4.00 11.33
N ASN A 141 -34.12 4.26 10.52
CA ASN A 141 -33.17 5.37 10.69
C ASN A 141 -33.59 6.53 9.77
N ASP A 142 -32.98 7.70 9.96
CA ASP A 142 -33.37 8.99 9.36
C ASP A 142 -33.25 8.95 7.84
N LEU A 143 -32.19 8.32 7.32
CA LEU A 143 -31.92 8.28 5.85
C LEU A 143 -33.00 7.44 5.15
N SER A 144 -33.50 6.38 5.80
CA SER A 144 -34.61 5.52 5.33
C SER A 144 -35.85 6.38 5.09
N ARG A 145 -36.10 7.32 6.00
CA ARG A 145 -37.25 8.27 5.94
C ARG A 145 -37.07 9.17 4.72
N MET A 146 -35.92 9.81 4.59
CA MET A 146 -35.71 10.81 3.52
C MET A 146 -35.94 10.19 2.15
N ILE A 147 -35.44 8.97 1.91
CA ILE A 147 -35.50 8.30 0.57
C ILE A 147 -36.96 8.09 0.18
N SER A 148 -37.73 7.47 1.08
CA SER A 148 -39.18 7.17 0.89
C SER A 148 -39.92 8.50 0.67
N ARG A 149 -39.51 9.54 1.39
CA ARG A 149 -40.05 10.92 1.20
C ARG A 149 -39.64 11.45 -0.18
N TYR A 150 -38.40 11.23 -0.62
CA TYR A 150 -37.90 11.64 -1.97
C TYR A 150 -38.76 10.95 -3.02
N ASN A 151 -39.06 9.67 -2.78
CA ASN A 151 -39.78 8.80 -3.74
C ASN A 151 -41.16 9.41 -4.06
N SER A 152 -41.97 9.67 -3.02
CA SER A 152 -43.35 10.17 -3.15
C SER A 152 -43.38 11.65 -3.59
N SER A 153 -42.44 12.49 -3.12
CA SER A 153 -42.35 13.95 -3.41
C SER A 153 -41.69 14.25 -4.77
N GLN A 154 -40.70 13.44 -5.16
CA GLN A 154 -39.81 13.71 -6.32
C GLN A 154 -39.16 15.10 -6.12
N ALA A 155 -38.67 15.37 -4.90
CA ALA A 155 -38.01 16.65 -4.54
C ALA A 155 -36.80 16.36 -3.63
N ALA A 156 -35.63 16.83 -4.05
CA ALA A 156 -34.35 16.66 -3.35
C ALA A 156 -34.57 16.82 -1.85
N GLN A 157 -34.06 15.89 -1.04
CA GLN A 157 -34.14 15.91 0.45
C GLN A 157 -32.77 16.27 0.99
N ILE A 158 -32.73 16.95 2.14
CA ILE A 158 -31.50 17.56 2.72
C ILE A 158 -31.68 17.61 4.24
N MET A 159 -31.00 16.71 4.95
CA MET A 159 -31.18 16.54 6.42
C MET A 159 -30.73 17.81 7.13
N VAL A 160 -31.47 18.20 8.17
CA VAL A 160 -31.25 19.45 8.97
C VAL A 160 -31.56 19.17 10.45
N GLU A 161 -30.61 19.47 11.34
CA GLU A 161 -30.86 19.56 12.81
C GLU A 161 -30.52 21.00 13.23
N ALA A 162 -31.25 21.50 14.24
CA ALA A 162 -31.11 22.87 14.79
C ALA A 162 -29.87 22.93 15.68
N VAL A 163 -29.06 23.99 15.55
CA VAL A 163 -27.76 24.16 16.27
C VAL A 163 -27.74 25.52 16.98
N PRO A 164 -26.93 25.67 18.04
CA PRO A 164 -26.59 27.00 18.57
C PRO A 164 -26.26 28.01 17.44
N ASP A 165 -26.63 29.28 17.67
CA ASP A 165 -26.66 30.37 16.67
C ASP A 165 -25.24 30.83 16.29
N HIS A 166 -24.23 30.42 17.08
CA HIS A 166 -22.82 30.89 17.00
C HIS A 166 -21.95 29.86 16.27
N LEU A 167 -22.37 28.59 16.26
CA LEU A 167 -21.75 27.47 15.51
C LEU A 167 -22.29 27.44 14.07
N VAL A 168 -22.93 28.54 13.62
CA VAL A 168 -23.69 28.65 12.33
C VAL A 168 -22.74 29.00 11.19
N ASP A 169 -21.57 29.55 11.49
CA ASP A 169 -20.49 29.82 10.48
C ASP A 169 -19.81 28.50 10.10
N GLN A 170 -19.89 27.48 10.99
CA GLN A 170 -19.23 26.14 10.88
C GLN A 170 -19.95 25.24 9.85
N TYR A 171 -21.29 25.32 9.75
CA TYR A 171 -22.16 24.45 8.91
C TYR A 171 -22.70 25.22 7.70
N GLY A 172 -23.19 24.50 6.69
CA GLY A 172 -24.15 25.03 5.71
C GLY A 172 -25.50 25.19 6.39
N ILE A 173 -26.28 26.23 6.02
CA ILE A 173 -27.60 26.56 6.65
C ILE A 173 -28.68 26.81 5.59
N VAL A 174 -29.90 26.33 5.87
CA VAL A 174 -31.09 26.38 4.97
C VAL A 174 -32.00 27.54 5.37
N ASP A 175 -32.47 28.31 4.38
CA ASP A 175 -33.54 29.34 4.56
C ASP A 175 -34.89 28.61 4.47
N VAL A 176 -35.72 28.74 5.51
CA VAL A 176 -37.02 28.02 5.64
C VAL A 176 -38.02 28.99 6.27
N ALA A 177 -39.30 28.92 5.87
CA ALA A 177 -40.43 29.62 6.53
C ALA A 177 -40.44 29.21 8.01
N GLN A 178 -41.18 28.18 8.39
CA GLN A 178 -41.17 27.57 9.75
C GLN A 178 -40.34 26.27 9.68
N SER A 179 -39.56 25.99 10.72
CA SER A 179 -38.81 24.71 10.89
C SER A 179 -39.79 23.54 10.99
N PRO A 180 -39.52 22.38 10.33
CA PRO A 180 -40.40 21.21 10.42
C PRO A 180 -40.20 20.41 11.71
N ASN A 181 -41.17 19.56 12.06
CA ASN A 181 -41.12 18.67 13.25
C ASN A 181 -40.16 17.50 12.98
N GLU A 182 -39.64 16.90 14.05
CA GLU A 182 -38.84 15.65 14.01
C GLU A 182 -39.57 14.66 13.09
N GLY A 183 -38.86 14.15 12.07
CA GLY A 183 -39.33 13.05 11.20
C GLY A 183 -40.13 13.52 9.99
N GLU A 184 -40.25 14.84 9.78
CA GLU A 184 -41.04 15.46 8.67
C GLU A 184 -40.15 16.43 7.86
N SER A 185 -40.61 16.88 6.68
CA SER A 185 -39.80 17.60 5.65
C SER A 185 -40.55 18.82 5.10
N ILE A 186 -40.29 20.03 5.62
CA ILE A 186 -40.90 21.31 5.13
C ILE A 186 -40.03 21.87 4.00
N ALA A 187 -40.67 22.34 2.92
CA ALA A 187 -40.04 22.93 1.72
C ALA A 187 -39.06 24.03 2.15
N MET A 188 -38.00 24.26 1.38
CA MET A 188 -36.99 25.30 1.69
C MET A 188 -36.74 26.15 0.45
N GLN A 189 -36.43 27.43 0.68
CA GLN A 189 -36.49 28.52 -0.32
C GLN A 189 -35.08 29.05 -0.60
N GLY A 190 -34.07 28.57 0.14
CA GLY A 190 -32.66 29.02 0.03
C GLY A 190 -31.72 28.25 0.94
N ILE A 191 -30.43 28.26 0.62
CA ILE A 191 -29.34 27.57 1.41
C ILE A 191 -28.04 28.39 1.21
N VAL A 192 -27.17 28.42 2.23
CA VAL A 192 -25.88 29.17 2.20
C VAL A 192 -24.85 28.41 3.04
N GLU A 193 -23.58 28.41 2.59
CA GLU A 193 -22.54 27.49 3.12
C GLU A 193 -21.87 28.13 4.35
N LYS A 194 -21.17 29.25 4.19
CA LYS A 194 -20.42 29.87 5.32
C LYS A 194 -21.13 31.14 5.75
N PRO A 195 -22.30 31.07 6.42
CA PRO A 195 -23.00 32.26 6.88
C PRO A 195 -22.42 32.76 8.20
N PRO A 196 -21.80 33.97 8.25
CA PRO A 196 -21.35 34.58 9.50
C PRO A 196 -22.44 34.75 10.58
N VAL A 197 -22.13 34.33 11.81
CA VAL A 197 -23.00 34.38 13.02
C VAL A 197 -23.89 35.64 12.96
N GLY A 198 -25.20 35.47 13.11
CA GLY A 198 -26.18 36.57 13.08
C GLY A 198 -26.77 36.80 11.70
N ALA A 199 -26.01 36.51 10.62
CA ALA A 199 -26.44 36.68 9.21
C ALA A 199 -26.95 35.34 8.66
N ALA A 200 -27.74 34.62 9.47
CA ALA A 200 -28.15 33.21 9.26
C ALA A 200 -29.63 33.13 8.89
N PRO A 201 -29.98 32.82 7.61
CA PRO A 201 -31.38 32.61 7.23
C PRO A 201 -32.22 31.75 8.19
N SER A 202 -31.56 30.99 9.07
CA SER A 202 -32.17 30.26 10.21
C SER A 202 -31.07 29.64 11.09
N ASN A 203 -31.48 28.79 12.03
CA ASN A 203 -30.60 28.00 12.95
C ASN A 203 -30.49 26.56 12.46
N LEU A 204 -31.18 26.20 11.36
CA LEU A 204 -31.24 24.81 10.83
C LEU A 204 -29.99 24.51 9.98
N SER A 205 -29.15 23.58 10.46
CA SER A 205 -27.86 23.22 9.82
C SER A 205 -28.05 22.03 8.88
N VAL A 206 -27.35 22.03 7.73
CA VAL A 206 -27.16 20.87 6.82
C VAL A 206 -26.35 19.82 7.58
N VAL A 207 -26.93 18.63 7.83
CA VAL A 207 -26.33 17.57 8.69
C VAL A 207 -25.22 16.83 7.95
N GLY A 208 -25.40 16.60 6.64
CA GLY A 208 -24.46 15.85 5.77
C GLY A 208 -25.10 14.65 5.09
N ARG A 209 -26.41 14.43 5.25
CA ARG A 209 -27.18 13.39 4.53
C ARG A 209 -28.03 14.10 3.48
N TYR A 210 -27.93 13.68 2.21
CA TYR A 210 -28.67 14.30 1.07
C TYR A 210 -29.39 13.21 0.29
N VAL A 211 -30.25 13.62 -0.65
CA VAL A 211 -30.90 12.75 -1.67
C VAL A 211 -31.16 13.64 -2.89
N LEU A 212 -30.54 13.36 -4.03
CA LEU A 212 -30.36 14.36 -5.11
C LEU A 212 -30.55 13.71 -6.48
N PRO A 213 -31.24 14.42 -7.41
CA PRO A 213 -31.32 13.97 -8.79
C PRO A 213 -29.99 14.15 -9.52
N ALA A 214 -29.75 13.31 -10.52
CA ALA A 214 -28.52 13.28 -11.33
C ALA A 214 -28.36 14.59 -12.10
N LYS A 215 -29.41 15.43 -12.18
CA LYS A 215 -29.28 16.85 -12.60
C LYS A 215 -28.06 17.46 -11.88
N ILE A 216 -28.07 17.38 -10.54
CA ILE A 216 -27.06 17.97 -9.61
C ILE A 216 -25.64 17.80 -10.17
N MET A 217 -25.39 16.77 -10.99
CA MET A 217 -24.07 16.48 -11.59
C MET A 217 -23.77 17.49 -12.71
N GLN A 218 -24.75 17.83 -13.54
CA GLN A 218 -24.61 18.85 -14.62
C GLN A 218 -24.51 20.24 -13.96
N LEU A 219 -25.21 20.43 -12.86
CA LEU A 219 -25.14 21.68 -12.04
C LEU A 219 -23.74 21.81 -11.45
N LEU A 220 -23.16 20.71 -10.97
CA LEU A 220 -21.81 20.69 -10.32
C LEU A 220 -20.73 21.05 -11.35
N GLU A 221 -20.93 20.68 -12.61
CA GLU A 221 -20.03 21.04 -13.74
C GLU A 221 -20.04 22.56 -13.93
N ASN A 222 -21.16 23.23 -13.63
CA ASN A 222 -21.37 24.67 -13.93
C ASN A 222 -21.61 25.48 -12.65
N THR A 223 -21.11 25.05 -11.48
CA THR A 223 -21.07 25.90 -10.26
C THR A 223 -19.79 26.71 -10.30
N PRO A 224 -19.86 28.02 -9.99
CA PRO A 224 -18.66 28.81 -9.68
C PRO A 224 -17.83 28.20 -8.53
N LYS A 225 -16.51 28.44 -8.51
CA LYS A 225 -15.60 27.87 -7.49
C LYS A 225 -15.43 28.86 -6.32
N GLY A 226 -16.51 29.16 -5.60
CA GLY A 226 -16.53 30.16 -4.52
C GLY A 226 -16.14 29.59 -3.16
N ALA A 227 -16.93 29.88 -2.13
CA ALA A 227 -16.85 29.36 -0.73
C ALA A 227 -15.45 28.82 -0.37
N GLY A 228 -14.40 29.63 -0.53
CA GLY A 228 -13.03 29.30 -0.10
C GLY A 228 -12.21 28.68 -1.21
N ASN A 229 -12.40 29.14 -2.45
CA ASN A 229 -11.66 28.72 -3.68
C ASN A 229 -12.05 27.28 -4.07
N GLU A 230 -12.85 26.58 -3.26
CA GLU A 230 -13.31 25.15 -3.44
C GLU A 230 -14.70 25.14 -4.10
N ILE A 231 -14.95 24.18 -5.00
CA ILE A 231 -16.30 23.97 -5.61
C ILE A 231 -17.22 23.37 -4.54
N GLN A 232 -18.32 24.04 -4.22
CA GLN A 232 -19.19 23.69 -3.06
C GLN A 232 -20.46 23.00 -3.54
N LEU A 233 -20.90 21.96 -2.84
CA LEU A 233 -22.06 21.14 -3.23
C LEU A 233 -23.32 21.96 -2.93
N THR A 234 -23.34 22.69 -1.81
CA THR A 234 -24.55 23.42 -1.34
C THR A 234 -24.82 24.60 -2.28
N ASP A 235 -23.86 24.97 -3.13
CA ASP A 235 -24.05 25.96 -4.23
C ASP A 235 -24.87 25.31 -5.36
N ALA A 236 -24.54 24.07 -5.72
CA ALA A 236 -25.22 23.28 -6.78
C ALA A 236 -26.69 23.05 -6.39
N ILE A 237 -26.97 22.89 -5.10
CA ILE A 237 -28.36 22.72 -4.59
C ILE A 237 -29.13 24.03 -4.84
N ALA A 238 -28.50 25.18 -4.58
CA ALA A 238 -29.09 26.53 -4.77
C ALA A 238 -29.49 26.69 -6.25
N MET A 239 -28.70 26.13 -7.16
CA MET A 239 -28.92 26.22 -8.62
C MET A 239 -30.03 25.23 -9.02
N LEU A 240 -30.25 24.19 -8.22
CA LEU A 240 -31.37 23.24 -8.41
C LEU A 240 -32.66 23.92 -7.96
N GLN A 241 -32.61 24.69 -6.86
CA GLN A 241 -33.76 25.45 -6.30
C GLN A 241 -34.30 26.46 -7.31
N ASP A 242 -33.48 26.88 -8.29
CA ASP A 242 -33.87 27.85 -9.35
C ASP A 242 -35.00 27.26 -10.20
N THR A 243 -35.08 25.93 -10.34
CA THR A 243 -36.03 25.24 -11.27
C THR A 243 -36.77 24.11 -10.54
N ASP A 244 -36.07 23.06 -10.09
CA ASP A 244 -36.66 21.94 -9.32
C ASP A 244 -36.91 22.39 -7.87
N THR A 245 -37.73 21.65 -7.13
CA THR A 245 -38.09 21.93 -5.71
C THR A 245 -37.20 21.10 -4.78
N VAL A 246 -36.78 21.69 -3.66
CA VAL A 246 -35.86 21.09 -2.65
C VAL A 246 -36.46 21.27 -1.26
N GLU A 247 -36.54 20.19 -0.49
CA GLU A 247 -37.13 20.18 0.88
C GLU A 247 -36.00 20.02 1.90
N ALA A 248 -36.24 20.44 3.15
CA ALA A 248 -35.32 20.22 4.28
C ALA A 248 -36.01 19.24 5.23
N TYR A 249 -35.48 18.02 5.34
CA TYR A 249 -35.95 16.96 6.28
C TYR A 249 -35.27 17.23 7.64
N ARG A 250 -36.06 17.32 8.72
CA ARG A 250 -35.56 17.35 10.12
C ARG A 250 -35.45 15.90 10.62
N MET A 251 -34.26 15.52 11.08
CA MET A 251 -33.95 14.16 11.62
C MET A 251 -34.56 14.02 13.01
N GLN A 252 -34.74 12.79 13.49
CA GLN A 252 -35.25 12.50 14.86
C GLN A 252 -34.06 12.18 15.79
N GLY A 253 -33.00 11.57 15.24
CA GLY A 253 -31.84 11.07 16.00
C GLY A 253 -30.76 12.13 16.16
N GLN A 254 -29.86 11.91 17.13
CA GLN A 254 -28.70 12.79 17.43
C GLN A 254 -27.55 12.42 16.50
N THR A 255 -26.76 13.40 16.06
CA THR A 255 -25.55 13.21 15.22
C THR A 255 -24.27 13.18 16.09
N PHE A 256 -23.10 13.12 15.45
CA PHE A 256 -21.76 13.32 16.04
C PHE A 256 -20.81 13.74 14.93
N ASP A 257 -19.92 14.70 15.18
CA ASP A 257 -18.94 15.14 14.14
C ASP A 257 -17.58 14.53 14.46
N CYS A 258 -17.19 13.48 13.73
CA CYS A 258 -15.85 12.84 13.83
C CYS A 258 -14.84 13.57 12.93
N GLY A 259 -15.19 14.78 12.49
CA GLY A 259 -14.21 15.77 11.97
C GLY A 259 -13.37 16.32 13.09
N SER A 260 -14.01 17.04 14.02
CA SER A 260 -13.38 17.56 15.27
C SER A 260 -12.95 16.38 16.16
N LYS A 261 -11.69 16.38 16.61
CA LYS A 261 -11.11 15.39 17.59
C LYS A 261 -12.02 15.28 18.81
N LEU A 262 -12.53 16.42 19.29
CA LEU A 262 -13.45 16.51 20.46
C LEU A 262 -14.76 15.78 20.12
N GLY A 263 -15.38 16.12 18.99
CA GLY A 263 -16.62 15.49 18.50
C GLY A 263 -16.47 13.98 18.35
N TYR A 264 -15.30 13.49 17.92
CA TYR A 264 -14.91 12.05 17.86
C TYR A 264 -15.00 11.45 19.27
N LEU A 265 -14.31 12.03 20.26
CA LEU A 265 -14.28 11.52 21.65
C LEU A 265 -15.71 11.43 22.19
N LYS A 266 -16.61 12.30 21.73
CA LYS A 266 -18.05 12.26 22.13
C LYS A 266 -18.71 11.01 21.55
N ALA A 267 -18.37 10.66 20.30
CA ALA A 267 -18.96 9.51 19.58
C ALA A 267 -18.46 8.22 20.23
N VAL A 268 -17.21 8.18 20.69
CA VAL A 268 -16.67 7.00 21.42
C VAL A 268 -17.53 6.79 22.65
N LEU A 269 -17.65 7.80 23.51
CA LEU A 269 -18.39 7.69 24.80
C LEU A 269 -19.81 7.19 24.54
N HIS A 270 -20.53 7.79 23.60
CA HIS A 270 -21.98 7.52 23.37
C HIS A 270 -22.19 6.15 22.70
N TYR A 271 -21.42 5.81 21.64
CA TYR A 271 -21.42 4.46 20.99
C TYR A 271 -20.81 3.41 21.94
N GLY A 272 -19.81 3.78 22.73
CA GLY A 272 -19.16 2.90 23.73
C GLY A 272 -20.09 2.50 24.88
N LEU A 273 -21.18 3.25 25.11
CA LEU A 273 -22.20 2.96 26.14
C LEU A 273 -23.36 2.16 25.50
N GLU A 274 -23.79 2.55 24.30
CA GLU A 274 -24.80 1.83 23.48
C GLU A 274 -24.22 0.48 23.00
N HIS A 275 -23.00 0.13 23.38
CA HIS A 275 -22.32 -1.10 22.88
C HIS A 275 -22.96 -2.32 23.52
N PRO A 276 -23.42 -3.31 22.71
CA PRO A 276 -24.20 -4.43 23.24
C PRO A 276 -23.37 -5.51 23.98
N LYS A 277 -22.03 -5.38 24.02
CA LYS A 277 -21.11 -6.39 24.59
C LYS A 277 -20.36 -5.82 25.80
N LEU A 278 -19.86 -4.57 25.72
CA LEU A 278 -19.06 -3.93 26.80
C LEU A 278 -19.73 -2.65 27.30
N GLY A 279 -20.82 -2.21 26.66
CA GLY A 279 -21.58 -1.02 27.05
C GLY A 279 -21.63 -0.85 28.56
N MET A 280 -21.93 -1.92 29.30
CA MET A 280 -22.16 -1.85 30.76
C MET A 280 -20.83 -1.83 31.51
N GLU A 281 -19.93 -2.78 31.22
CA GLU A 281 -18.60 -2.84 31.86
C GLU A 281 -17.83 -1.54 31.55
N PHE A 282 -18.09 -0.90 30.40
CA PHE A 282 -17.52 0.43 30.02
C PHE A 282 -18.00 1.48 31.03
N LYS A 283 -19.33 1.59 31.18
CA LYS A 283 -19.99 2.49 32.17
C LYS A 283 -19.27 2.39 33.52
N GLN A 284 -19.01 1.17 33.98
CA GLN A 284 -18.33 0.92 35.28
C GLN A 284 -16.92 1.53 35.25
N LEU A 285 -16.22 1.47 34.11
CA LEU A 285 -14.81 1.96 33.99
C LEU A 285 -14.77 3.49 34.07
N ILE A 286 -15.87 4.17 33.71
CA ILE A 286 -15.97 5.66 33.77
C ILE A 286 -16.02 6.08 35.24
N LEU A 287 -17.03 5.60 35.97
CA LEU A 287 -17.33 5.89 37.40
C LEU A 287 -16.03 5.87 38.22
N GLU A 288 -15.18 4.86 37.97
CA GLU A 288 -14.00 4.54 38.81
C GLU A 288 -12.75 5.33 38.35
N LEU A 289 -12.93 6.41 37.59
CA LEU A 289 -11.82 7.14 36.89
C LEU A 289 -11.26 8.27 37.78
N LYS A 290 -12.11 8.97 38.52
CA LYS A 290 -11.69 10.05 39.46
C LYS A 290 -11.29 9.44 40.80
N MET B 1 -25.00 3.41 -28.09
CA MET B 1 -23.56 3.79 -27.90
C MET B 1 -22.97 2.96 -26.74
N ILE B 2 -21.94 2.16 -27.02
CA ILE B 2 -21.22 1.33 -26.01
C ILE B 2 -20.05 2.14 -25.46
N LYS B 3 -20.09 2.48 -24.17
CA LYS B 3 -19.13 3.40 -23.50
C LYS B 3 -18.31 2.69 -22.43
N LYS B 4 -18.94 1.83 -21.62
CA LYS B 4 -18.31 1.15 -20.45
C LYS B 4 -17.57 -0.10 -20.90
N ALA B 5 -16.31 -0.26 -20.51
CA ALA B 5 -15.47 -1.46 -20.77
C ALA B 5 -15.01 -2.05 -19.43
N VAL B 6 -15.06 -3.38 -19.30
CA VAL B 6 -14.71 -4.12 -18.05
C VAL B 6 -13.36 -4.78 -18.26
N LEU B 7 -12.36 -4.46 -17.43
CA LEU B 7 -10.99 -5.07 -17.46
C LEU B 7 -10.85 -5.97 -16.23
N PRO B 8 -11.04 -7.31 -16.37
CA PRO B 8 -10.78 -8.22 -15.27
C PRO B 8 -9.27 -8.26 -15.00
N VAL B 9 -8.85 -7.76 -13.84
CA VAL B 9 -7.42 -7.62 -13.42
C VAL B 9 -7.26 -8.15 -11.98
N ALA B 10 -8.11 -9.09 -11.56
CA ALA B 10 -8.22 -9.56 -10.16
C ALA B 10 -7.29 -10.75 -9.92
N GLY B 11 -6.79 -11.38 -10.99
CA GLY B 11 -5.93 -12.57 -10.88
C GLY B 11 -4.57 -12.23 -10.34
N LEU B 12 -4.09 -12.96 -9.34
CA LEU B 12 -2.64 -13.03 -9.00
C LEU B 12 -1.91 -13.26 -10.32
N GLY B 13 -0.57 -13.32 -10.34
CA GLY B 13 0.17 -13.45 -11.62
C GLY B 13 0.90 -14.78 -11.79
N THR B 14 0.31 -15.89 -11.37
CA THR B 14 1.00 -17.21 -11.27
C THR B 14 1.82 -17.51 -12.52
N ARG B 15 1.31 -17.22 -13.73
CA ARG B 15 2.00 -17.57 -15.00
C ARG B 15 3.34 -16.81 -15.09
N PHE B 16 3.41 -15.57 -14.58
CA PHE B 16 4.50 -14.59 -14.82
C PHE B 16 5.39 -14.41 -13.57
N LEU B 17 5.64 -15.47 -12.79
CA LEU B 17 5.47 -15.37 -11.31
C LEU B 17 6.65 -14.75 -10.58
N PRO B 18 7.92 -14.81 -11.04
CA PRO B 18 9.00 -14.16 -10.27
C PRO B 18 8.83 -12.63 -10.37
N ALA B 19 8.44 -12.15 -11.56
CA ALA B 19 8.24 -10.72 -11.93
C ALA B 19 7.04 -10.11 -11.21
N SER B 20 5.89 -10.81 -11.26
CA SER B 20 4.57 -10.35 -10.75
C SER B 20 4.35 -10.78 -9.30
N LYS B 21 5.40 -11.20 -8.59
CA LYS B 21 5.31 -11.59 -7.16
C LYS B 21 4.69 -10.43 -6.36
N SER B 22 5.30 -9.24 -6.49
CA SER B 22 5.19 -8.09 -5.55
C SER B 22 4.68 -6.84 -6.25
N ILE B 23 4.26 -6.97 -7.51
CA ILE B 23 3.54 -5.94 -8.32
C ILE B 23 2.61 -6.69 -9.27
N PRO B 24 1.44 -6.13 -9.65
CA PRO B 24 0.53 -6.80 -10.59
C PRO B 24 1.21 -7.28 -11.89
N LYS B 25 0.76 -8.41 -12.46
CA LYS B 25 1.17 -8.85 -13.83
C LYS B 25 0.92 -7.69 -14.80
N GLU B 26 -0.16 -6.92 -14.57
CA GLU B 26 -0.65 -5.87 -15.50
C GLU B 26 0.32 -4.69 -15.52
N MET B 27 1.09 -4.49 -14.46
CA MET B 27 2.05 -3.36 -14.32
C MET B 27 3.42 -3.74 -14.94
N VAL B 28 3.58 -4.99 -15.35
CA VAL B 28 4.80 -5.49 -16.06
C VAL B 28 5.10 -4.49 -17.17
N THR B 29 6.34 -3.99 -17.20
CA THR B 29 6.79 -2.85 -18.06
C THR B 29 7.15 -3.40 -19.45
N VAL B 30 6.27 -3.18 -20.42
CA VAL B 30 6.50 -3.54 -21.85
C VAL B 30 7.78 -2.80 -22.28
N VAL B 31 7.69 -1.69 -23.02
CA VAL B 31 8.96 -1.05 -23.50
C VAL B 31 9.44 -0.07 -22.44
N ASP B 32 8.52 0.81 -22.00
CA ASP B 32 8.75 1.90 -21.01
C ASP B 32 7.44 2.27 -20.30
N ARG B 33 6.35 1.56 -20.59
CA ARG B 33 5.04 1.73 -19.92
C ARG B 33 4.49 0.37 -19.52
N PRO B 34 3.66 0.29 -18.46
CA PRO B 34 2.99 -0.95 -18.10
C PRO B 34 1.99 -1.45 -19.16
N ALA B 35 1.88 -2.77 -19.27
CA ALA B 35 0.97 -3.47 -20.19
C ALA B 35 -0.44 -2.86 -20.10
N ILE B 36 -0.95 -2.59 -18.89
CA ILE B 36 -2.36 -2.16 -18.65
C ILE B 36 -2.68 -0.94 -19.52
N GLU B 37 -1.74 0.03 -19.64
CA GLU B 37 -1.90 1.26 -20.46
C GLU B 37 -2.24 0.91 -21.91
N TYR B 38 -1.44 0.06 -22.56
CA TYR B 38 -1.67 -0.36 -23.96
C TYR B 38 -3.13 -0.78 -24.11
N VAL B 39 -3.65 -1.54 -23.15
CA VAL B 39 -5.05 -2.06 -23.14
C VAL B 39 -6.03 -0.89 -23.00
N VAL B 40 -5.83 -0.03 -21.98
CA VAL B 40 -6.71 1.14 -21.70
C VAL B 40 -6.70 2.08 -22.93
N ARG B 41 -5.53 2.36 -23.48
CA ARG B 41 -5.38 3.27 -24.65
C ARG B 41 -6.07 2.66 -25.87
N GLU B 42 -6.23 1.33 -25.91
CA GLU B 42 -6.97 0.62 -26.98
C GLU B 42 -8.49 0.87 -26.82
N ALA B 43 -8.98 0.84 -25.58
CA ALA B 43 -10.40 1.05 -25.22
C ALA B 43 -10.80 2.49 -25.54
N VAL B 44 -10.00 3.42 -25.01
CA VAL B 44 -10.15 4.90 -25.13
C VAL B 44 -10.34 5.26 -26.60
N GLU B 45 -9.45 4.80 -27.48
CA GLU B 45 -9.46 5.06 -28.95
C GLU B 45 -10.65 4.36 -29.64
N ALA B 46 -11.64 3.88 -28.89
CA ALA B 46 -12.87 3.26 -29.42
C ALA B 46 -14.10 3.81 -28.70
N GLY B 47 -13.97 4.97 -28.05
CA GLY B 47 -15.08 5.72 -27.46
C GLY B 47 -15.52 5.10 -26.15
N ILE B 48 -14.63 4.36 -25.51
CA ILE B 48 -14.80 3.97 -24.09
C ILE B 48 -14.56 5.21 -23.23
N GLU B 49 -15.51 5.52 -22.34
CA GLU B 49 -15.49 6.68 -21.44
C GLU B 49 -15.29 6.22 -19.99
N GLN B 50 -15.71 4.98 -19.66
CA GLN B 50 -15.68 4.39 -18.30
C GLN B 50 -14.85 3.10 -18.31
N ILE B 51 -13.68 3.10 -17.67
CA ILE B 51 -12.79 1.92 -17.49
C ILE B 51 -13.12 1.28 -16.15
N ILE B 52 -13.77 0.12 -16.16
CA ILE B 52 -14.16 -0.62 -14.91
C ILE B 52 -13.11 -1.69 -14.63
N LEU B 53 -12.21 -1.44 -13.67
CA LEU B 53 -11.23 -2.45 -13.22
C LEU B 53 -11.86 -3.34 -12.15
N VAL B 54 -11.99 -4.64 -12.44
CA VAL B 54 -12.28 -5.71 -11.44
C VAL B 54 -10.94 -6.21 -10.90
N THR B 55 -10.58 -5.74 -9.70
CA THR B 55 -9.20 -5.72 -9.16
C THR B 55 -9.16 -6.58 -7.90
N HIS B 56 -7.96 -6.79 -7.37
CA HIS B 56 -7.65 -7.54 -6.12
C HIS B 56 -7.13 -6.53 -5.10
N SER B 57 -6.94 -6.95 -3.85
CA SER B 57 -6.38 -6.12 -2.74
C SER B 57 -4.98 -5.60 -3.08
N SER B 58 -4.23 -6.31 -3.93
CA SER B 58 -2.79 -6.05 -4.25
C SER B 58 -2.62 -4.99 -5.33
N LYS B 59 -3.60 -4.84 -6.22
CA LYS B 59 -3.47 -4.18 -7.55
C LYS B 59 -3.72 -2.68 -7.41
N ALA B 60 -3.22 -2.09 -6.33
CA ALA B 60 -3.30 -0.66 -5.99
C ALA B 60 -2.65 0.16 -7.11
N SER B 61 -1.42 -0.18 -7.44
CA SER B 61 -0.59 0.45 -8.51
C SER B 61 -1.41 0.72 -9.78
N ILE B 62 -2.25 -0.23 -10.22
CA ILE B 62 -3.08 -0.07 -11.43
C ILE B 62 -3.99 1.16 -11.28
N GLU B 63 -4.89 1.16 -10.30
CA GLU B 63 -5.71 2.35 -9.95
C GLU B 63 -4.81 3.60 -9.95
N ASN B 64 -3.71 3.59 -9.19
CA ASN B 64 -2.83 4.79 -8.97
C ASN B 64 -2.22 5.28 -10.30
N TYR B 65 -1.99 4.38 -11.26
CA TYR B 65 -1.36 4.72 -12.56
C TYR B 65 -2.24 5.75 -13.29
N PHE B 66 -3.56 5.60 -13.20
CA PHE B 66 -4.54 6.45 -13.92
C PHE B 66 -4.95 7.63 -13.03
N ASP B 67 -4.35 7.80 -11.85
CA ASP B 67 -4.61 8.92 -10.91
C ASP B 67 -3.40 9.88 -10.88
N ARG B 68 -3.54 11.02 -10.21
CA ARG B 68 -2.46 12.02 -10.13
C ARG B 68 -1.60 11.71 -8.90
N ASN B 69 -0.27 11.86 -9.04
CA ASN B 69 0.75 11.59 -7.98
C ASN B 69 1.42 12.91 -7.56
N PHE B 70 0.86 13.59 -6.57
CA PHE B 70 1.38 14.89 -6.05
C PHE B 70 2.91 14.79 -6.01
N GLU B 71 3.44 13.93 -5.14
CA GLU B 71 4.89 13.88 -4.82
C GLU B 71 5.69 13.91 -6.13
N LEU B 72 5.29 13.13 -7.13
CA LEU B 72 6.04 13.00 -8.41
C LEU B 72 5.85 14.26 -9.27
N GLU B 73 4.59 14.67 -9.48
CA GLU B 73 4.24 15.93 -10.18
C GLU B 73 5.15 17.05 -9.65
N THR B 74 5.16 17.28 -8.34
CA THR B 74 5.81 18.48 -7.74
C THR B 74 7.33 18.34 -7.91
N THR B 75 7.90 17.13 -8.04
CA THR B 75 9.37 16.99 -8.27
C THR B 75 9.64 17.20 -9.77
N LEU B 76 8.67 16.90 -10.64
CA LEU B 76 8.81 17.15 -12.10
C LEU B 76 8.68 18.65 -12.35
N GLU B 77 8.04 19.41 -11.45
CA GLU B 77 8.02 20.90 -11.51
C GLU B 77 9.33 21.46 -10.93
N GLN B 78 9.73 21.03 -9.71
CA GLN B 78 10.95 21.50 -8.98
C GLN B 78 12.20 21.20 -9.83
N LYS B 79 12.27 20.05 -10.50
CA LYS B 79 13.08 19.86 -11.74
C LYS B 79 12.25 20.43 -12.90
N LYS B 80 12.87 21.01 -13.93
CA LYS B 80 12.12 21.83 -14.92
C LYS B 80 11.52 20.93 -16.00
N LYS B 81 11.29 19.64 -15.72
CA LYS B 81 10.93 18.61 -16.74
C LYS B 81 9.43 18.62 -17.00
N PHE B 82 8.93 19.62 -17.74
CA PHE B 82 7.50 19.78 -18.15
C PHE B 82 7.16 18.81 -19.29
N ASP B 83 8.21 18.33 -19.98
CA ASP B 83 8.21 17.13 -20.87
C ASP B 83 7.28 16.06 -20.27
N LEU B 84 7.82 15.20 -19.39
CA LEU B 84 7.10 14.04 -18.80
C LEU B 84 5.78 14.53 -18.23
N LEU B 85 5.81 15.65 -17.50
CA LEU B 85 4.72 16.05 -16.56
C LEU B 85 3.36 15.95 -17.26
N ALA B 86 3.24 16.40 -18.51
CA ALA B 86 1.98 16.28 -19.30
C ALA B 86 1.71 14.80 -19.64
N GLU B 87 2.75 14.00 -19.94
CA GLU B 87 2.61 12.55 -20.24
C GLU B 87 1.98 11.84 -19.02
N ILE B 88 2.45 12.13 -17.79
CA ILE B 88 2.03 11.39 -16.56
C ILE B 88 0.81 12.04 -15.90
N THR B 89 0.32 13.19 -16.40
CA THR B 89 -0.90 13.83 -15.87
C THR B 89 -2.09 13.62 -16.81
N GLN B 90 -1.83 13.32 -18.08
CA GLN B 90 -2.88 13.06 -19.11
C GLN B 90 -2.68 11.66 -19.69
N ILE B 91 -2.50 10.66 -18.83
CA ILE B 91 -2.41 9.21 -19.23
C ILE B 91 -3.68 8.87 -20.02
N VAL B 92 -4.80 9.54 -19.73
CA VAL B 92 -6.07 9.41 -20.48
C VAL B 92 -6.76 10.77 -20.54
N PRO B 93 -7.57 11.02 -21.57
CA PRO B 93 -8.47 12.17 -21.59
C PRO B 93 -9.29 12.31 -20.31
N GLU B 94 -9.78 13.51 -20.04
CA GLU B 94 -10.39 13.85 -18.72
C GLU B 94 -11.86 13.43 -18.71
N HIS B 95 -12.47 13.24 -19.89
CA HIS B 95 -13.85 12.68 -20.00
C HIS B 95 -13.83 11.20 -19.59
N VAL B 96 -12.68 10.52 -19.77
CA VAL B 96 -12.44 9.10 -19.36
C VAL B 96 -12.25 9.04 -17.83
N SER B 97 -13.19 8.40 -17.15
CA SER B 97 -13.12 7.96 -15.73
C SER B 97 -12.49 6.56 -15.64
N VAL B 98 -12.03 6.16 -14.45
CA VAL B 98 -11.50 4.79 -14.11
C VAL B 98 -12.14 4.33 -12.80
N ILE B 99 -13.22 3.56 -12.91
CA ILE B 99 -14.00 2.93 -11.81
C ILE B 99 -13.24 1.67 -11.38
N SER B 100 -13.39 1.25 -10.12
CA SER B 100 -12.65 0.13 -9.49
C SER B 100 -13.57 -0.69 -8.57
N VAL B 101 -13.50 -2.02 -8.67
CA VAL B 101 -14.40 -2.95 -7.93
C VAL B 101 -13.61 -4.23 -7.60
N ARG B 102 -13.99 -4.91 -6.52
CA ARG B 102 -13.21 -6.03 -5.91
C ARG B 102 -13.84 -7.40 -6.21
N GLN B 103 -13.05 -8.33 -6.74
CA GLN B 103 -13.38 -9.76 -6.82
C GLN B 103 -13.03 -10.42 -5.49
N PRO B 104 -14.04 -10.79 -4.65
CA PRO B 104 -13.78 -11.25 -3.28
C PRO B 104 -12.85 -12.47 -3.22
N GLN B 105 -13.00 -13.41 -4.17
CA GLN B 105 -12.15 -14.63 -4.37
C GLN B 105 -11.92 -14.79 -5.87
N PRO B 106 -10.79 -15.40 -6.29
CA PRO B 106 -10.57 -15.70 -7.71
C PRO B 106 -11.32 -16.96 -8.21
N LEU B 107 -12.63 -16.84 -8.46
CA LEU B 107 -13.52 -17.93 -8.93
C LEU B 107 -13.71 -17.85 -10.45
N GLY B 108 -12.83 -17.16 -11.19
CA GLY B 108 -12.73 -17.27 -12.66
C GLY B 108 -13.22 -16.04 -13.40
N LEU B 109 -12.78 -15.89 -14.66
CA LEU B 109 -13.03 -14.73 -15.56
C LEU B 109 -14.51 -14.34 -15.50
N GLY B 110 -15.41 -15.31 -15.57
CA GLY B 110 -16.87 -15.08 -15.53
C GLY B 110 -17.26 -14.34 -14.27
N HIS B 111 -16.85 -14.84 -13.10
CA HIS B 111 -17.19 -14.29 -11.77
C HIS B 111 -16.59 -12.88 -11.62
N ALA B 112 -15.46 -12.61 -12.26
CA ALA B 112 -14.86 -11.27 -12.34
C ALA B 112 -15.86 -10.35 -13.05
N VAL B 113 -16.18 -10.65 -14.31
CA VAL B 113 -17.09 -9.78 -15.12
C VAL B 113 -18.37 -9.57 -14.29
N LEU B 114 -18.97 -10.64 -13.77
CA LEU B 114 -20.21 -10.55 -12.94
C LEU B 114 -20.03 -9.49 -11.84
N CYS B 115 -18.82 -9.30 -11.32
CA CYS B 115 -18.49 -8.37 -10.20
C CYS B 115 -18.77 -6.91 -10.54
N ALA B 116 -18.87 -6.57 -11.83
CA ALA B 116 -19.19 -5.21 -12.33
C ALA B 116 -20.66 -5.13 -12.78
N LYS B 117 -21.51 -6.07 -12.37
CA LYS B 117 -22.93 -6.11 -12.82
C LYS B 117 -23.61 -4.78 -12.47
N SER B 118 -23.26 -4.19 -11.32
CA SER B 118 -23.86 -2.94 -10.81
C SER B 118 -23.28 -1.75 -11.56
N VAL B 119 -21.97 -1.73 -11.79
CA VAL B 119 -21.29 -0.58 -12.45
C VAL B 119 -21.73 -0.53 -13.92
N VAL B 120 -22.07 -1.70 -14.51
CA VAL B 120 -22.52 -1.86 -15.93
C VAL B 120 -23.99 -1.46 -16.05
N GLY B 121 -24.80 -1.79 -15.03
CA GLY B 121 -26.25 -1.52 -15.03
C GLY B 121 -26.93 -2.26 -16.17
N GLU B 122 -27.59 -1.53 -17.08
CA GLU B 122 -28.41 -2.08 -18.19
C GLU B 122 -27.70 -1.85 -19.54
N ASP B 123 -26.61 -1.09 -19.54
CA ASP B 123 -25.87 -0.67 -20.76
C ASP B 123 -25.18 -1.88 -21.37
N ASP B 124 -25.22 -2.01 -22.68
CA ASP B 124 -24.35 -2.93 -23.45
C ASP B 124 -22.92 -2.49 -23.15
N PHE B 125 -21.98 -3.42 -22.90
CA PHE B 125 -20.60 -3.09 -22.45
C PHE B 125 -19.58 -4.00 -23.15
N ALA B 126 -18.35 -3.51 -23.31
CA ALA B 126 -17.19 -4.27 -23.81
C ALA B 126 -16.56 -5.03 -22.64
N VAL B 127 -15.81 -6.08 -22.95
CA VAL B 127 -14.91 -6.80 -21.99
C VAL B 127 -13.56 -6.84 -22.70
N LEU B 128 -12.46 -6.56 -21.98
CA LEU B 128 -11.09 -6.63 -22.55
C LEU B 128 -10.16 -7.34 -21.55
N LEU B 129 -9.77 -8.57 -21.84
CA LEU B 129 -8.80 -9.33 -21.03
C LEU B 129 -7.47 -8.58 -21.12
N PRO B 130 -6.99 -7.97 -20.01
CA PRO B 130 -5.83 -7.07 -20.06
C PRO B 130 -4.47 -7.78 -20.08
N ASP B 131 -4.45 -9.12 -20.10
CA ASP B 131 -3.21 -9.92 -20.31
C ASP B 131 -3.04 -10.19 -21.82
N VAL B 132 -3.70 -9.40 -22.68
CA VAL B 132 -3.67 -9.55 -24.18
C VAL B 132 -3.65 -8.18 -24.85
N LEU B 133 -2.54 -7.83 -25.52
CA LEU B 133 -2.39 -6.60 -26.35
C LEU B 133 -2.83 -6.90 -27.78
N VAL B 134 -3.22 -5.86 -28.52
CA VAL B 134 -3.82 -5.96 -29.89
C VAL B 134 -3.27 -4.82 -30.74
N LYS B 135 -2.03 -4.95 -31.22
CA LYS B 135 -1.41 -3.94 -32.12
C LYS B 135 -2.21 -3.93 -33.43
N ASP B 136 -2.57 -2.74 -33.91
CA ASP B 136 -3.40 -2.57 -35.14
C ASP B 136 -2.52 -1.94 -36.23
N GLY B 137 -3.15 -1.36 -37.25
CA GLY B 137 -2.47 -0.65 -38.36
C GLY B 137 -3.04 0.74 -38.55
N SER B 138 -3.53 1.02 -39.76
CA SER B 138 -4.02 2.37 -40.20
C SER B 138 -5.54 2.46 -39.98
N GLY B 139 -6.16 3.56 -40.45
CA GLY B 139 -7.55 3.90 -40.13
C GLY B 139 -7.80 3.85 -38.63
N GLN B 140 -8.82 3.10 -38.20
CA GLN B 140 -9.21 2.91 -36.79
C GLN B 140 -8.72 1.54 -36.30
N ASN B 141 -9.03 1.18 -35.05
CA ASN B 141 -8.59 -0.08 -34.38
C ASN B 141 -9.75 -1.08 -34.42
N ASP B 142 -9.48 -2.32 -34.00
CA ASP B 142 -10.36 -3.51 -34.17
C ASP B 142 -11.61 -3.38 -33.30
N LEU B 143 -11.43 -3.11 -32.00
CA LEU B 143 -12.54 -2.95 -31.03
C LEU B 143 -13.53 -1.89 -31.55
N SER B 144 -13.02 -0.80 -32.14
CA SER B 144 -13.82 0.26 -32.81
C SER B 144 -14.83 -0.41 -33.75
N ARG B 145 -14.36 -1.29 -34.64
CA ARG B 145 -15.21 -1.94 -35.68
C ARG B 145 -16.28 -2.76 -34.96
N MET B 146 -15.86 -3.59 -34.01
CA MET B 146 -16.76 -4.52 -33.29
C MET B 146 -17.95 -3.75 -32.72
N ILE B 147 -17.73 -2.56 -32.15
CA ILE B 147 -18.76 -1.79 -31.37
C ILE B 147 -19.76 -1.17 -32.36
N SER B 148 -19.26 -0.52 -33.41
CA SER B 148 -20.09 0.02 -34.51
C SER B 148 -20.97 -1.13 -35.03
N ARG B 149 -20.34 -2.29 -35.23
CA ARG B 149 -20.97 -3.54 -35.76
C ARG B 149 -21.99 -4.10 -34.76
N TYR B 150 -21.72 -4.02 -33.45
CA TYR B 150 -22.68 -4.44 -32.37
C TYR B 150 -23.91 -3.57 -32.49
N ASN B 151 -23.72 -2.25 -32.52
CA ASN B 151 -24.81 -1.23 -32.47
C ASN B 151 -25.81 -1.49 -33.59
N SER B 152 -25.34 -1.62 -34.84
CA SER B 152 -26.20 -1.83 -36.02
C SER B 152 -26.87 -3.21 -35.97
N SER B 153 -26.13 -4.26 -35.57
CA SER B 153 -26.57 -5.68 -35.57
C SER B 153 -27.39 -6.03 -34.33
N GLN B 154 -27.17 -5.31 -33.22
CA GLN B 154 -27.78 -5.54 -31.87
C GLN B 154 -27.40 -6.95 -31.35
N ALA B 155 -26.44 -7.65 -31.97
CA ALA B 155 -26.05 -9.04 -31.63
C ALA B 155 -24.61 -9.06 -31.12
N ALA B 156 -24.38 -9.71 -29.99
CA ALA B 156 -23.09 -9.77 -29.26
C ALA B 156 -21.97 -10.01 -30.25
N GLN B 157 -20.81 -9.39 -30.03
CA GLN B 157 -19.61 -9.54 -30.89
C GLN B 157 -18.48 -10.11 -30.03
N ILE B 158 -17.63 -10.95 -30.62
CA ILE B 158 -16.61 -11.80 -29.93
C ILE B 158 -15.41 -11.95 -30.85
N MET B 159 -14.29 -11.31 -30.51
CA MET B 159 -13.12 -11.18 -31.43
C MET B 159 -12.53 -12.56 -31.61
N VAL B 160 -12.19 -12.92 -32.85
CA VAL B 160 -11.64 -14.25 -33.22
C VAL B 160 -10.40 -14.05 -34.09
N GLU B 161 -9.36 -14.84 -33.80
CA GLU B 161 -8.12 -14.97 -34.61
C GLU B 161 -7.90 -16.45 -34.89
N ALA B 162 -7.36 -16.76 -36.07
CA ALA B 162 -7.03 -18.13 -36.52
C ALA B 162 -5.72 -18.56 -35.87
N VAL B 163 -5.68 -19.72 -35.20
CA VAL B 163 -4.48 -20.26 -34.48
C VAL B 163 -4.25 -21.70 -34.94
N PRO B 164 -2.97 -22.16 -35.02
CA PRO B 164 -2.67 -23.58 -35.25
C PRO B 164 -3.55 -24.55 -34.45
N ASP B 165 -3.85 -25.72 -35.04
CA ASP B 165 -4.90 -26.69 -34.62
C ASP B 165 -4.48 -27.49 -33.38
N HIS B 166 -3.28 -27.25 -32.82
CA HIS B 166 -2.70 -27.98 -31.65
C HIS B 166 -2.68 -27.10 -30.39
N LEU B 167 -2.65 -25.77 -30.57
CA LEU B 167 -2.74 -24.75 -29.48
C LEU B 167 -4.23 -24.51 -29.11
N VAL B 168 -5.15 -25.28 -29.69
CA VAL B 168 -6.62 -25.25 -29.39
C VAL B 168 -6.88 -25.72 -27.95
N ASP B 169 -5.99 -26.53 -27.37
CA ASP B 169 -6.03 -26.91 -25.94
C ASP B 169 -6.19 -25.63 -25.11
N GLN B 170 -5.38 -24.60 -25.44
CA GLN B 170 -4.99 -23.46 -24.57
C GLN B 170 -5.86 -22.21 -24.79
N TYR B 171 -6.98 -22.32 -25.53
CA TYR B 171 -7.88 -21.17 -25.85
C TYR B 171 -9.35 -21.59 -25.72
N GLY B 172 -10.24 -20.59 -25.80
CA GLY B 172 -11.66 -20.75 -26.14
C GLY B 172 -11.82 -20.65 -27.65
N ILE B 173 -12.63 -21.54 -28.24
CA ILE B 173 -12.77 -21.71 -29.72
C ILE B 173 -14.24 -21.68 -30.10
N VAL B 174 -14.55 -21.01 -31.23
CA VAL B 174 -15.94 -20.73 -31.72
C VAL B 174 -16.31 -21.72 -32.82
N ASP B 175 -17.61 -21.95 -32.97
CA ASP B 175 -18.23 -22.78 -34.04
C ASP B 175 -18.86 -21.84 -35.08
N VAL B 176 -18.33 -21.81 -36.31
CA VAL B 176 -18.91 -21.07 -37.48
C VAL B 176 -19.06 -22.03 -38.67
N ALA B 177 -19.98 -21.73 -39.58
CA ALA B 177 -20.06 -22.30 -40.95
C ALA B 177 -18.76 -21.97 -41.70
N GLN B 178 -18.73 -20.92 -42.51
CA GLN B 178 -17.49 -20.41 -43.18
C GLN B 178 -16.76 -19.45 -42.22
N SER B 179 -15.43 -19.55 -42.15
CA SER B 179 -14.55 -18.62 -41.39
C SER B 179 -14.69 -17.22 -41.97
N PRO B 180 -14.99 -16.17 -41.15
CA PRO B 180 -15.13 -14.80 -41.65
C PRO B 180 -13.83 -14.20 -42.17
N ASN B 181 -13.94 -13.11 -42.95
CA ASN B 181 -12.82 -12.34 -43.52
C ASN B 181 -12.27 -11.38 -42.45
N GLU B 182 -10.98 -11.05 -42.54
CA GLU B 182 -10.35 -9.96 -41.75
C GLU B 182 -11.27 -8.74 -41.79
N GLY B 183 -11.75 -8.30 -40.62
CA GLY B 183 -12.48 -7.04 -40.44
C GLY B 183 -13.98 -7.17 -40.63
N GLU B 184 -14.51 -8.40 -40.70
CA GLU B 184 -15.97 -8.69 -40.83
C GLU B 184 -16.35 -9.86 -39.91
N SER B 185 -17.62 -9.93 -39.51
CA SER B 185 -18.14 -10.85 -38.46
C SER B 185 -19.28 -11.72 -39.00
N ILE B 186 -19.02 -13.01 -39.25
CA ILE B 186 -20.07 -14.01 -39.55
C ILE B 186 -20.70 -14.48 -38.23
N ALA B 187 -21.96 -14.92 -38.30
CA ALA B 187 -22.74 -15.52 -37.18
C ALA B 187 -22.02 -16.76 -36.67
N MET B 188 -22.31 -17.19 -35.44
CA MET B 188 -21.69 -18.41 -34.89
C MET B 188 -22.71 -19.18 -34.05
N GLN B 189 -22.66 -20.52 -34.19
CA GLN B 189 -23.70 -21.47 -33.75
C GLN B 189 -23.18 -22.29 -32.56
N GLY B 190 -22.00 -21.97 -31.99
CA GLY B 190 -21.46 -22.68 -30.81
C GLY B 190 -20.13 -22.12 -30.31
N ILE B 191 -19.86 -22.29 -29.00
CA ILE B 191 -18.55 -21.96 -28.35
C ILE B 191 -18.15 -23.10 -27.41
N VAL B 192 -16.84 -23.35 -27.31
CA VAL B 192 -16.23 -24.35 -26.41
C VAL B 192 -15.09 -23.64 -25.66
N GLU B 193 -14.88 -23.97 -24.38
CA GLU B 193 -13.78 -23.37 -23.59
C GLU B 193 -12.47 -24.09 -23.88
N LYS B 194 -12.17 -25.21 -23.23
CA LYS B 194 -10.85 -25.86 -23.37
C LYS B 194 -11.03 -27.15 -24.14
N PRO B 195 -11.38 -27.10 -25.46
CA PRO B 195 -11.57 -28.31 -26.25
C PRO B 195 -10.20 -28.91 -26.55
N PRO B 196 -10.03 -30.25 -26.41
CA PRO B 196 -8.72 -30.89 -26.55
C PRO B 196 -8.22 -30.94 -28.00
N VAL B 197 -6.96 -30.55 -28.22
CA VAL B 197 -6.35 -30.22 -29.54
C VAL B 197 -6.70 -31.33 -30.53
N GLY B 198 -7.72 -31.11 -31.36
CA GLY B 198 -8.20 -32.07 -32.37
C GLY B 198 -9.71 -32.30 -32.34
N ALA B 199 -10.40 -31.87 -31.27
CA ALA B 199 -11.87 -32.01 -31.11
C ALA B 199 -12.55 -30.63 -31.02
N ALA B 200 -12.21 -29.72 -31.94
CA ALA B 200 -12.58 -28.27 -31.92
C ALA B 200 -13.41 -27.88 -33.14
N PRO B 201 -14.64 -27.33 -32.96
CA PRO B 201 -15.49 -26.89 -34.08
C PRO B 201 -14.85 -25.95 -35.12
N SER B 202 -13.66 -25.41 -34.85
CA SER B 202 -12.81 -24.68 -35.82
C SER B 202 -11.43 -24.39 -35.22
N ASN B 203 -10.58 -23.70 -35.98
CA ASN B 203 -9.26 -23.20 -35.53
C ASN B 203 -9.38 -21.71 -35.14
N LEU B 204 -10.60 -21.22 -34.92
CA LEU B 204 -10.88 -19.81 -34.54
C LEU B 204 -10.88 -19.64 -33.02
N SER B 205 -9.78 -19.09 -32.48
CA SER B 205 -9.59 -18.74 -31.05
C SER B 205 -10.43 -17.50 -30.70
N VAL B 206 -11.02 -17.48 -29.50
CA VAL B 206 -11.57 -16.25 -28.86
C VAL B 206 -10.37 -15.41 -28.40
N VAL B 207 -10.18 -14.22 -28.96
CA VAL B 207 -8.96 -13.38 -28.76
C VAL B 207 -8.96 -12.82 -27.34
N GLY B 208 -10.14 -12.52 -26.78
CA GLY B 208 -10.34 -11.88 -25.47
C GLY B 208 -10.78 -10.43 -25.62
N ARG B 209 -11.44 -10.10 -26.72
CA ARG B 209 -12.14 -8.80 -26.93
C ARG B 209 -13.60 -9.12 -27.19
N TYR B 210 -14.50 -8.53 -26.40
CA TYR B 210 -15.96 -8.80 -26.44
C TYR B 210 -16.73 -7.48 -26.50
N VAL B 211 -17.98 -7.58 -26.93
CA VAL B 211 -19.08 -6.59 -26.70
C VAL B 211 -20.30 -7.43 -26.33
N LEU B 212 -20.93 -7.17 -25.20
CA LEU B 212 -21.96 -8.06 -24.60
C LEU B 212 -23.10 -7.22 -24.06
N PRO B 213 -24.36 -7.72 -24.16
CA PRO B 213 -25.49 -7.04 -23.56
C PRO B 213 -25.52 -7.31 -22.05
N ALA B 214 -26.08 -6.36 -21.30
CA ALA B 214 -26.19 -6.41 -19.83
C ALA B 214 -26.80 -7.76 -19.44
N LYS B 215 -27.72 -8.25 -20.28
CA LYS B 215 -28.37 -9.57 -20.15
C LYS B 215 -27.37 -10.60 -19.58
N ILE B 216 -26.16 -10.68 -20.15
CA ILE B 216 -25.16 -11.76 -19.83
C ILE B 216 -24.84 -11.78 -18.33
N MET B 217 -25.12 -10.70 -17.59
CA MET B 217 -24.81 -10.60 -16.14
C MET B 217 -25.73 -11.55 -15.35
N GLN B 218 -26.98 -11.73 -15.80
CA GLN B 218 -27.95 -12.64 -15.13
C GLN B 218 -27.63 -14.08 -15.51
N LEU B 219 -27.05 -14.29 -16.70
CA LEU B 219 -26.60 -15.62 -17.16
C LEU B 219 -25.41 -16.05 -16.31
N LEU B 220 -24.38 -15.21 -16.24
CA LEU B 220 -23.21 -15.39 -15.34
C LEU B 220 -23.70 -15.76 -13.94
N GLU B 221 -24.81 -15.13 -13.51
CA GLU B 221 -25.42 -15.35 -12.18
C GLU B 221 -25.97 -16.78 -12.06
N ASN B 222 -26.10 -17.54 -13.16
CA ASN B 222 -26.76 -18.88 -13.19
C ASN B 222 -26.00 -19.83 -14.13
N THR B 223 -24.68 -19.65 -14.31
CA THR B 223 -23.84 -20.55 -15.14
C THR B 223 -23.44 -21.77 -14.33
N PRO B 224 -23.43 -22.98 -14.93
CA PRO B 224 -22.76 -24.13 -14.32
C PRO B 224 -21.47 -23.80 -13.54
N LYS B 225 -21.27 -24.47 -12.40
CA LYS B 225 -20.28 -24.11 -11.35
C LYS B 225 -18.84 -24.24 -11.90
N GLY B 226 -18.68 -24.35 -13.22
CA GLY B 226 -17.39 -24.09 -13.90
C GLY B 226 -17.03 -25.13 -14.95
N ALA B 227 -16.22 -24.69 -15.93
CA ALA B 227 -15.67 -25.48 -17.06
C ALA B 227 -14.14 -25.54 -16.90
N GLY B 228 -13.71 -26.26 -15.88
CA GLY B 228 -12.42 -26.06 -15.18
C GLY B 228 -12.76 -25.76 -13.74
N ASN B 229 -11.77 -25.56 -12.88
CA ASN B 229 -11.98 -25.22 -11.45
C ASN B 229 -13.27 -24.37 -11.31
N GLU B 230 -13.36 -23.27 -12.06
CA GLU B 230 -14.18 -22.05 -11.75
C GLU B 230 -15.15 -21.68 -12.89
N ILE B 231 -16.01 -20.67 -12.65
CA ILE B 231 -17.11 -20.20 -13.56
C ILE B 231 -16.50 -19.53 -14.80
N GLN B 232 -16.90 -19.94 -16.01
CA GLN B 232 -16.27 -19.43 -17.27
C GLN B 232 -17.22 -18.49 -18.03
N LEU B 233 -16.65 -17.45 -18.64
CA LEU B 233 -17.43 -16.42 -19.39
C LEU B 233 -18.03 -17.09 -20.63
N THR B 234 -17.22 -17.82 -21.39
CA THR B 234 -17.60 -18.53 -22.64
C THR B 234 -18.86 -19.38 -22.40
N ASP B 235 -18.97 -20.05 -21.25
CA ASP B 235 -20.18 -20.83 -20.83
C ASP B 235 -21.41 -19.90 -20.84
N ALA B 236 -21.28 -18.70 -20.29
CA ALA B 236 -22.37 -17.70 -20.19
C ALA B 236 -22.76 -17.21 -21.58
N ILE B 237 -21.89 -17.35 -22.58
CA ILE B 237 -22.16 -16.91 -23.97
C ILE B 237 -22.81 -18.06 -24.75
N ALA B 238 -22.51 -19.32 -24.41
CA ALA B 238 -23.32 -20.50 -24.84
C ALA B 238 -24.80 -20.23 -24.52
N MET B 239 -25.11 -19.86 -23.27
CA MET B 239 -26.50 -19.65 -22.78
C MET B 239 -27.11 -18.41 -23.43
N LEU B 240 -26.30 -17.59 -24.12
CA LEU B 240 -26.79 -16.38 -24.82
C LEU B 240 -27.24 -16.76 -26.22
N GLN B 241 -26.54 -17.70 -26.88
CA GLN B 241 -26.91 -18.27 -28.20
C GLN B 241 -28.22 -19.06 -28.11
N ASP B 242 -28.63 -19.43 -26.89
CA ASP B 242 -29.93 -20.11 -26.62
C ASP B 242 -31.11 -19.16 -26.90
N THR B 243 -30.91 -17.85 -26.84
CA THR B 243 -32.00 -16.84 -27.06
C THR B 243 -31.55 -15.79 -28.09
N ASP B 244 -30.52 -15.01 -27.78
CA ASP B 244 -30.03 -13.88 -28.63
C ASP B 244 -29.09 -14.45 -29.71
N THR B 245 -28.69 -13.62 -30.69
CA THR B 245 -27.65 -14.00 -31.68
C THR B 245 -26.29 -13.50 -31.19
N VAL B 246 -25.28 -14.32 -31.38
CA VAL B 246 -23.85 -13.98 -31.10
C VAL B 246 -23.08 -14.12 -32.42
N GLU B 247 -22.30 -13.10 -32.80
CA GLU B 247 -21.48 -13.09 -34.03
C GLU B 247 -19.99 -13.19 -33.64
N ALA B 248 -19.16 -13.72 -34.53
CA ALA B 248 -17.69 -13.76 -34.35
C ALA B 248 -17.09 -12.74 -35.31
N TYR B 249 -16.53 -11.64 -34.78
CA TYR B 249 -15.75 -10.65 -35.55
C TYR B 249 -14.32 -11.17 -35.68
N ARG B 250 -13.85 -11.39 -36.90
CA ARG B 250 -12.43 -11.76 -37.17
C ARG B 250 -11.61 -10.49 -37.26
N MET B 251 -10.70 -10.31 -36.30
CA MET B 251 -9.84 -9.11 -36.20
C MET B 251 -8.93 -9.02 -37.43
N GLN B 252 -8.49 -7.81 -37.78
CA GLN B 252 -7.49 -7.55 -38.83
C GLN B 252 -6.16 -7.16 -38.18
N GLY B 253 -6.10 -7.19 -36.85
CA GLY B 253 -4.90 -6.86 -36.06
C GLY B 253 -4.10 -8.11 -35.68
N GLN B 254 -2.84 -7.92 -35.30
CA GLN B 254 -1.98 -8.99 -34.72
C GLN B 254 -1.95 -8.78 -33.20
N THR B 255 -2.10 -9.87 -32.45
CA THR B 255 -2.23 -9.86 -30.96
C THR B 255 -0.94 -10.35 -30.32
N PHE B 256 -0.77 -10.07 -29.03
CA PHE B 256 0.28 -10.65 -28.15
C PHE B 256 -0.37 -11.10 -26.85
N ASP B 257 0.17 -12.14 -26.23
CA ASP B 257 -0.31 -12.70 -24.94
C ASP B 257 0.77 -12.44 -23.89
N CYS B 258 0.63 -11.36 -23.12
CA CYS B 258 1.57 -10.98 -22.02
C CYS B 258 1.22 -11.78 -20.76
N GLY B 259 0.38 -12.81 -20.90
CA GLY B 259 0.18 -13.87 -19.89
C GLY B 259 1.39 -14.79 -19.82
N SER B 260 1.72 -15.42 -20.95
CA SER B 260 2.95 -16.25 -21.12
C SER B 260 4.19 -15.33 -21.12
N LYS B 261 5.20 -15.69 -20.33
CA LYS B 261 6.54 -15.01 -20.28
C LYS B 261 7.12 -14.83 -21.69
N LEU B 262 6.88 -15.78 -22.61
CA LEU B 262 7.45 -15.75 -23.97
C LEU B 262 6.63 -14.80 -24.87
N GLY B 263 5.31 -14.80 -24.74
CA GLY B 263 4.43 -13.82 -25.39
C GLY B 263 4.83 -12.41 -25.00
N TYR B 264 5.03 -12.15 -23.71
CA TYR B 264 5.52 -10.83 -23.18
C TYR B 264 6.73 -10.42 -24.02
N LEU B 265 7.79 -11.23 -24.03
CA LEU B 265 9.05 -10.93 -24.77
C LEU B 265 8.73 -10.61 -26.23
N LYS B 266 7.90 -11.43 -26.89
CA LYS B 266 7.51 -11.17 -28.31
C LYS B 266 7.06 -9.71 -28.45
N ALA B 267 6.15 -9.26 -27.56
CA ALA B 267 5.53 -7.91 -27.57
C ALA B 267 6.59 -6.84 -27.30
N VAL B 268 7.50 -7.08 -26.35
CA VAL B 268 8.61 -6.11 -26.04
C VAL B 268 9.34 -5.80 -27.34
N LEU B 269 9.66 -6.84 -28.12
CA LEU B 269 10.42 -6.73 -29.40
C LEU B 269 9.59 -5.98 -30.44
N HIS B 270 8.28 -6.23 -30.51
CA HIS B 270 7.41 -5.68 -31.57
C HIS B 270 7.06 -4.21 -31.27
N TYR B 271 6.48 -3.91 -30.11
CA TYR B 271 6.20 -2.51 -29.67
C TYR B 271 7.52 -1.72 -29.57
N GLY B 272 8.62 -2.39 -29.21
CA GLY B 272 9.97 -1.79 -29.12
C GLY B 272 10.50 -1.29 -30.46
N LEU B 273 10.13 -1.93 -31.56
CA LEU B 273 10.62 -1.57 -32.92
C LEU B 273 9.74 -0.47 -33.53
N GLU B 274 8.45 -0.48 -33.18
CA GLU B 274 7.44 0.52 -33.63
C GLU B 274 7.45 1.74 -32.70
N HIS B 275 8.49 1.90 -31.89
CA HIS B 275 8.57 3.00 -30.87
C HIS B 275 8.96 4.29 -31.58
N PRO B 276 8.10 5.34 -31.54
CA PRO B 276 8.37 6.62 -32.19
C PRO B 276 9.78 7.20 -32.01
N LYS B 277 10.35 7.06 -30.81
CA LYS B 277 11.63 7.72 -30.42
C LYS B 277 12.80 6.71 -30.44
N LEU B 278 12.66 5.57 -29.73
CA LEU B 278 13.75 4.57 -29.51
C LEU B 278 13.78 3.54 -30.63
N GLY B 279 12.67 3.40 -31.38
CA GLY B 279 12.41 2.36 -32.38
C GLY B 279 13.64 1.92 -33.16
N MET B 280 14.36 2.85 -33.78
CA MET B 280 15.43 2.54 -34.77
C MET B 280 16.78 2.35 -34.05
N GLU B 281 17.01 3.07 -32.94
CA GLU B 281 18.17 2.78 -32.04
C GLU B 281 18.06 1.32 -31.59
N PHE B 282 16.83 0.85 -31.31
CA PHE B 282 16.52 -0.52 -30.85
C PHE B 282 16.96 -1.52 -31.91
N LYS B 283 16.50 -1.33 -33.15
CA LYS B 283 16.92 -2.14 -34.33
C LYS B 283 18.46 -2.20 -34.34
N GLN B 284 19.13 -1.05 -34.40
CA GLN B 284 20.60 -0.95 -34.43
C GLN B 284 21.19 -1.67 -33.21
N LEU B 285 20.47 -1.70 -32.08
CA LEU B 285 20.95 -2.33 -30.82
C LEU B 285 20.82 -3.86 -30.89
N ILE B 286 19.77 -4.38 -31.55
CA ILE B 286 19.55 -5.85 -31.77
C ILE B 286 20.63 -6.36 -32.73
N LEU B 287 20.86 -5.64 -33.83
CA LEU B 287 21.80 -6.00 -34.94
C LEU B 287 23.18 -6.32 -34.36
N GLU B 288 23.56 -5.70 -33.25
CA GLU B 288 24.92 -5.73 -32.66
C GLU B 288 25.16 -6.97 -31.79
N LEU B 289 24.50 -8.11 -32.03
CA LEU B 289 24.54 -9.26 -31.06
C LEU B 289 25.17 -10.53 -31.67
N LYS B 290 25.71 -11.39 -30.79
CA LYS B 290 26.40 -12.66 -31.12
C LYS B 290 25.44 -13.85 -30.94
N MET C 1 26.04 2.01 27.47
CA MET C 1 24.62 2.49 27.59
C MET C 1 23.72 1.54 26.81
N ILE C 2 22.40 1.59 27.04
CA ILE C 2 21.36 0.83 26.30
C ILE C 2 20.66 1.80 25.34
N LYS C 3 20.75 1.56 24.03
CA LYS C 3 20.33 2.54 22.98
C LYS C 3 19.35 1.94 21.96
N LYS C 4 19.38 0.62 21.71
CA LYS C 4 18.50 -0.08 20.75
C LYS C 4 17.33 -0.75 21.48
N ALA C 5 16.10 -0.60 20.97
CA ALA C 5 14.86 -1.25 21.45
C ALA C 5 14.23 -2.02 20.30
N VAL C 6 13.74 -3.24 20.55
CA VAL C 6 13.26 -4.18 19.49
C VAL C 6 11.74 -4.40 19.64
N LEU C 7 10.91 -3.66 18.89
CA LEU C 7 9.43 -3.76 18.97
C LEU C 7 8.98 -4.81 17.97
N PRO C 8 8.38 -5.94 18.42
CA PRO C 8 7.84 -6.97 17.52
C PRO C 8 6.38 -6.63 17.23
N VAL C 9 6.08 -6.30 15.97
CA VAL C 9 4.77 -5.79 15.47
C VAL C 9 4.26 -6.68 14.32
N ALA C 10 4.83 -7.90 14.18
CA ALA C 10 4.59 -8.84 13.06
C ALA C 10 3.28 -9.60 13.24
N GLY C 11 2.64 -9.45 14.40
CA GLY C 11 1.33 -10.07 14.67
C GLY C 11 0.25 -9.41 13.83
N LEU C 12 -0.80 -10.15 13.49
CA LEU C 12 -2.09 -9.54 13.07
C LEU C 12 -2.89 -9.28 14.34
N GLY C 13 -4.02 -8.60 14.25
CA GLY C 13 -4.64 -8.05 15.48
C GLY C 13 -5.83 -8.88 15.95
N THR C 14 -5.86 -10.18 15.66
CA THR C 14 -7.05 -11.06 15.80
C THR C 14 -7.75 -10.73 17.12
N ARG C 15 -6.97 -10.47 18.17
CA ARG C 15 -7.43 -10.01 19.52
C ARG C 15 -8.23 -8.69 19.40
N PHE C 16 -7.78 -7.69 18.63
CA PHE C 16 -8.56 -6.44 18.42
C PHE C 16 -9.07 -6.36 16.98
N LEU C 17 -10.32 -6.78 16.76
CA LEU C 17 -10.95 -6.91 15.43
C LEU C 17 -12.42 -6.56 15.60
N PRO C 18 -13.08 -5.89 14.65
CA PRO C 18 -12.50 -5.54 13.35
C PRO C 18 -11.72 -4.22 13.32
N ALA C 19 -11.33 -3.69 14.48
CA ALA C 19 -10.38 -2.55 14.61
C ALA C 19 -9.24 -2.71 13.58
N SER C 20 -8.49 -3.80 13.67
CA SER C 20 -7.22 -4.01 12.95
C SER C 20 -7.46 -4.74 11.61
N LYS C 21 -8.70 -4.87 11.16
CA LYS C 21 -8.96 -5.65 9.93
C LYS C 21 -8.12 -5.09 8.77
N SER C 22 -8.01 -3.77 8.63
CA SER C 22 -7.36 -3.11 7.45
C SER C 22 -6.25 -2.14 7.88
N ILE C 23 -5.98 -2.00 9.17
CA ILE C 23 -4.93 -1.10 9.73
C ILE C 23 -4.22 -1.89 10.81
N PRO C 24 -2.90 -1.70 11.05
CA PRO C 24 -2.21 -2.46 12.10
C PRO C 24 -2.81 -2.19 13.49
N LYS C 25 -2.91 -3.22 14.34
CA LYS C 25 -3.31 -3.06 15.76
C LYS C 25 -2.50 -1.92 16.40
N GLU C 26 -1.27 -1.72 15.90
CA GLU C 26 -0.30 -0.69 16.38
C GLU C 26 -0.78 0.72 16.03
N MET C 27 -1.62 0.91 15.01
CA MET C 27 -2.09 2.24 14.51
C MET C 27 -3.53 2.47 14.94
N VAL C 28 -4.07 1.63 15.85
CA VAL C 28 -5.36 1.85 16.56
C VAL C 28 -5.27 3.17 17.32
N THR C 29 -6.17 4.12 17.06
CA THR C 29 -6.03 5.53 17.52
C THR C 29 -6.56 5.65 18.95
N VAL C 30 -5.65 5.96 19.88
CA VAL C 30 -5.91 6.27 21.32
C VAL C 30 -6.03 7.79 21.45
N VAL C 31 -7.24 8.28 21.80
CA VAL C 31 -7.57 9.73 21.93
C VAL C 31 -7.46 10.38 20.55
N ASP C 32 -6.23 10.59 20.05
CA ASP C 32 -5.95 11.40 18.83
C ASP C 32 -4.64 11.00 18.16
N ARG C 33 -4.14 9.78 18.34
CA ARG C 33 -2.81 9.39 17.82
C ARG C 33 -2.64 7.88 17.94
N PRO C 34 -1.84 7.24 17.07
CA PRO C 34 -1.74 5.79 17.05
C PRO C 34 -1.03 5.23 18.29
N ALA C 35 -1.46 4.05 18.73
CA ALA C 35 -0.99 3.37 19.95
C ALA C 35 0.54 3.28 19.93
N ILE C 36 1.12 2.81 18.81
CA ILE C 36 2.60 2.60 18.65
C ILE C 36 3.36 3.85 19.11
N GLU C 37 2.85 5.06 18.82
CA GLU C 37 3.52 6.35 19.20
C GLU C 37 3.90 6.24 20.68
N TYR C 38 2.89 6.16 21.55
CA TYR C 38 3.01 6.09 23.04
C TYR C 38 4.15 5.18 23.47
N VAL C 39 4.19 3.97 22.90
CA VAL C 39 5.24 2.94 23.14
C VAL C 39 6.61 3.48 22.69
N VAL C 40 6.67 4.09 21.50
CA VAL C 40 7.94 4.56 20.90
C VAL C 40 8.42 5.80 21.67
N ARG C 41 7.49 6.70 21.99
CA ARG C 41 7.75 7.97 22.73
C ARG C 41 8.13 7.65 24.18
N GLU C 42 7.81 6.44 24.64
CA GLU C 42 8.21 5.88 25.96
C GLU C 42 9.66 5.40 25.87
N ALA C 43 10.06 4.72 24.78
CA ALA C 43 11.44 4.25 24.53
C ALA C 43 12.39 5.45 24.38
N VAL C 44 12.07 6.36 23.48
CA VAL C 44 12.82 7.65 23.28
C VAL C 44 13.18 8.23 24.66
N GLU C 45 12.18 8.50 25.50
CA GLU C 45 12.31 9.19 26.82
C GLU C 45 12.95 8.27 27.85
N ALA C 46 13.76 7.30 27.40
CA ALA C 46 14.73 6.55 28.24
C ALA C 46 16.02 6.36 27.43
N GLY C 47 16.32 7.31 26.55
CA GLY C 47 17.55 7.34 25.75
C GLY C 47 17.68 6.12 24.88
N ILE C 48 16.59 5.76 24.19
CA ILE C 48 16.61 4.82 23.02
C ILE C 48 16.70 5.70 21.77
N GLU C 49 17.50 5.26 20.79
CA GLU C 49 17.90 6.04 19.58
C GLU C 49 17.69 5.22 18.30
N GLN C 50 17.85 3.89 18.35
CA GLN C 50 17.58 2.98 17.22
C GLN C 50 16.38 2.10 17.57
N ILE C 51 15.16 2.57 17.23
CA ILE C 51 13.88 1.82 17.40
C ILE C 51 13.78 0.74 16.30
N ILE C 52 14.23 -0.50 16.54
CA ILE C 52 14.09 -1.59 15.54
C ILE C 52 12.63 -2.07 15.52
N LEU C 53 12.08 -2.25 14.32
CA LEU C 53 10.74 -2.88 14.10
C LEU C 53 10.96 -4.22 13.40
N VAL C 54 10.61 -5.32 14.08
CA VAL C 54 10.27 -6.63 13.43
C VAL C 54 8.79 -6.53 13.04
N THR C 55 8.48 -6.67 11.76
CA THR C 55 7.21 -6.16 11.18
C THR C 55 6.72 -7.18 10.14
N HIS C 56 5.62 -6.86 9.48
CA HIS C 56 4.95 -7.74 8.50
C HIS C 56 4.58 -6.93 7.24
N SER C 57 4.36 -7.63 6.12
CA SER C 57 3.98 -7.06 4.82
C SER C 57 2.83 -6.06 5.00
N SER C 58 1.90 -6.32 5.92
CA SER C 58 0.69 -5.50 6.10
C SER C 58 0.99 -4.22 6.89
N LYS C 59 2.20 -4.05 7.44
CA LYS C 59 2.48 -3.02 8.48
C LYS C 59 3.23 -1.79 7.91
N ALA C 60 2.93 -1.39 6.68
CA ALA C 60 3.61 -0.28 5.97
C ALA C 60 3.39 1.04 6.74
N SER C 61 2.16 1.24 7.25
CA SER C 61 1.66 2.48 7.89
C SER C 61 2.45 2.83 9.16
N ILE C 62 3.12 1.87 9.79
CA ILE C 62 3.96 2.19 10.98
C ILE C 62 5.19 2.94 10.45
N GLU C 63 5.86 2.36 9.46
CA GLU C 63 7.12 2.88 8.88
C GLU C 63 6.86 4.25 8.27
N ASN C 64 5.71 4.45 7.63
CA ASN C 64 5.28 5.78 7.11
C ASN C 64 5.08 6.78 8.25
N TYR C 65 4.58 6.35 9.40
CA TYR C 65 4.19 7.25 10.50
C TYR C 65 5.43 7.96 11.04
N PHE C 66 6.53 7.22 11.26
CA PHE C 66 7.84 7.77 11.70
C PHE C 66 8.68 8.03 10.46
N ASP C 67 8.14 8.89 9.59
CA ASP C 67 8.77 9.38 8.33
C ASP C 67 7.98 10.61 7.87
N ARG C 68 8.60 11.44 7.04
CA ARG C 68 7.99 12.67 6.47
C ARG C 68 6.93 12.25 5.43
N ASN C 69 5.88 13.06 5.31
CA ASN C 69 4.68 12.85 4.47
C ASN C 69 4.59 14.06 3.52
N PHE C 70 5.18 13.96 2.34
CA PHE C 70 5.43 15.09 1.42
C PHE C 70 4.15 15.89 1.14
N GLU C 71 3.02 15.24 0.82
CA GLU C 71 1.75 15.92 0.46
C GLU C 71 1.25 16.66 1.70
N LEU C 72 0.96 15.94 2.77
CA LEU C 72 0.50 16.49 4.07
C LEU C 72 1.38 17.68 4.47
N GLU C 73 2.70 17.49 4.50
CA GLU C 73 3.67 18.54 4.90
C GLU C 73 3.43 19.81 4.08
N THR C 74 3.60 19.77 2.75
CA THR C 74 3.49 20.97 1.87
C THR C 74 2.07 21.55 1.92
N THR C 75 1.02 20.73 2.00
CA THR C 75 -0.39 21.20 2.11
C THR C 75 -0.68 21.76 3.51
N LEU C 76 0.27 21.70 4.45
CA LEU C 76 0.12 22.36 5.77
C LEU C 76 0.93 23.65 5.78
N GLU C 77 2.15 23.65 5.22
CA GLU C 77 2.97 24.88 4.99
C GLU C 77 2.24 25.84 4.04
N GLN C 78 1.35 25.31 3.19
CA GLN C 78 0.39 26.11 2.37
C GLN C 78 -0.41 27.00 3.31
N LYS C 79 -1.42 26.45 4.00
CA LYS C 79 -2.37 27.23 4.85
C LYS C 79 -1.65 27.85 6.07
N LYS C 80 -0.32 27.75 6.15
CA LYS C 80 0.58 28.26 7.23
C LYS C 80 0.12 27.74 8.62
N LYS C 81 -0.46 26.53 8.66
CA LYS C 81 -1.04 25.87 9.87
C LYS C 81 0.06 25.12 10.64
N PHE C 82 0.91 25.86 11.35
CA PHE C 82 2.13 25.35 12.03
C PHE C 82 1.76 24.46 13.21
N ASP C 83 0.57 24.63 13.78
CA ASP C 83 0.15 23.80 14.93
C ASP C 83 0.22 22.33 14.46
N LEU C 84 -0.50 22.00 13.38
CA LEU C 84 -0.67 20.63 12.83
C LEU C 84 0.65 20.13 12.25
N LEU C 85 1.40 20.98 11.58
CA LEU C 85 2.77 20.61 11.15
C LEU C 85 3.56 20.09 12.35
N ALA C 86 3.59 20.84 13.46
CA ALA C 86 4.26 20.46 14.72
C ALA C 86 4.00 18.98 15.01
N GLU C 87 2.75 18.57 14.82
CA GLU C 87 2.21 17.25 15.18
C GLU C 87 2.78 16.12 14.30
N ILE C 88 3.08 16.33 13.01
CA ILE C 88 3.50 15.23 12.10
C ILE C 88 5.02 15.17 11.93
N THR C 89 5.76 16.24 12.22
CA THR C 89 7.11 16.50 11.65
C THR C 89 8.21 15.82 12.47
N GLN C 90 8.37 16.22 13.73
CA GLN C 90 9.37 15.66 14.67
C GLN C 90 8.61 14.91 15.76
N ILE C 91 7.85 13.89 15.34
CA ILE C 91 7.09 12.95 16.20
C ILE C 91 8.07 12.26 17.15
N VAL C 92 9.30 11.98 16.66
CA VAL C 92 10.45 11.55 17.51
C VAL C 92 11.66 12.41 17.10
N PRO C 93 12.44 12.92 18.09
CA PRO C 93 13.71 13.61 17.83
C PRO C 93 14.55 13.18 16.62
N GLU C 94 15.13 14.16 15.91
CA GLU C 94 15.90 14.02 14.65
C GLU C 94 17.02 12.96 14.80
N HIS C 95 17.50 12.66 16.01
CA HIS C 95 18.71 11.83 16.19
C HIS C 95 18.36 10.34 16.25
N VAL C 96 17.09 9.98 16.05
CA VAL C 96 16.50 8.62 16.28
C VAL C 96 16.36 7.88 14.95
N SER C 97 17.12 6.79 14.76
CA SER C 97 16.92 5.83 13.64
C SER C 97 15.63 5.02 13.89
N VAL C 98 14.94 4.61 12.82
CA VAL C 98 13.83 3.60 12.87
C VAL C 98 14.10 2.54 11.79
N ILE C 99 14.30 1.30 12.21
CA ILE C 99 14.76 0.20 11.32
C ILE C 99 13.60 -0.79 11.15
N SER C 100 13.55 -1.43 9.98
CA SER C 100 12.52 -2.43 9.59
C SER C 100 13.25 -3.69 9.14
N VAL C 101 12.95 -4.81 9.81
CA VAL C 101 13.31 -6.17 9.33
C VAL C 101 12.00 -6.97 9.35
N ARG C 102 11.86 -7.92 8.43
CA ARG C 102 10.61 -8.69 8.20
C ARG C 102 10.67 -10.03 8.95
N GLN C 103 9.57 -10.39 9.62
CA GLN C 103 9.37 -11.73 10.24
C GLN C 103 8.63 -12.64 9.26
N PRO C 104 9.37 -13.58 8.62
CA PRO C 104 8.85 -14.32 7.46
C PRO C 104 7.51 -14.99 7.80
N GLN C 105 7.52 -15.91 8.75
CA GLN C 105 6.31 -16.53 9.35
C GLN C 105 6.28 -16.17 10.83
N PRO C 106 5.09 -16.21 11.48
CA PRO C 106 4.92 -15.78 12.87
C PRO C 106 5.11 -16.97 13.81
N LEU C 107 6.35 -17.41 13.97
CA LEU C 107 6.70 -18.63 14.73
C LEU C 107 6.86 -18.31 16.22
N GLY C 108 6.72 -17.03 16.64
CA GLY C 108 6.56 -16.63 18.05
C GLY C 108 7.50 -15.53 18.53
N LEU C 109 7.17 -14.95 19.69
CA LEU C 109 7.76 -13.69 20.24
C LEU C 109 9.27 -13.81 20.49
N GLY C 110 9.80 -15.04 20.49
CA GLY C 110 11.24 -15.31 20.47
C GLY C 110 11.79 -15.21 19.05
N HIS C 111 11.27 -16.06 18.16
CA HIS C 111 11.57 -16.04 16.70
C HIS C 111 11.53 -14.60 16.19
N ALA C 112 10.55 -13.83 16.70
CA ALA C 112 10.35 -12.39 16.38
C ALA C 112 11.65 -11.63 16.69
N VAL C 113 12.06 -11.65 17.96
CA VAL C 113 13.26 -10.94 18.51
C VAL C 113 14.54 -11.48 17.84
N LEU C 114 14.59 -12.76 17.49
CA LEU C 114 15.76 -13.40 16.83
C LEU C 114 15.91 -12.87 15.38
N CYS C 115 14.82 -12.38 14.77
CA CYS C 115 14.80 -11.80 13.40
C CYS C 115 15.56 -10.46 13.39
N ALA C 116 15.76 -9.84 14.57
CA ALA C 116 16.45 -8.54 14.78
C ALA C 116 17.89 -8.73 15.26
N LYS C 117 18.46 -9.93 15.10
CA LYS C 117 19.83 -10.27 15.56
C LYS C 117 20.85 -9.43 14.79
N SER C 118 20.74 -9.38 13.47
CA SER C 118 21.77 -8.81 12.56
C SER C 118 21.77 -7.27 12.60
N VAL C 119 21.21 -6.67 13.66
CA VAL C 119 20.99 -5.19 13.75
C VAL C 119 21.20 -4.75 15.21
N VAL C 120 20.86 -5.61 16.17
CA VAL C 120 21.25 -5.46 17.60
C VAL C 120 22.74 -5.82 17.75
N GLY C 121 23.26 -6.67 16.86
CA GLY C 121 24.67 -7.08 16.82
C GLY C 121 25.12 -7.66 18.14
N GLU C 122 26.11 -7.02 18.78
CA GLU C 122 26.73 -7.50 20.04
C GLU C 122 26.27 -6.61 21.21
N ASP C 123 25.31 -5.71 20.99
CA ASP C 123 24.89 -4.70 21.99
C ASP C 123 23.65 -5.18 22.76
N ASP C 124 23.60 -4.85 24.05
CA ASP C 124 22.46 -5.20 24.96
C ASP C 124 21.28 -4.29 24.61
N PHE C 125 20.06 -4.84 24.56
CA PHE C 125 18.84 -4.21 23.99
C PHE C 125 17.62 -4.39 24.91
N ALA C 126 16.77 -3.36 24.92
CA ALA C 126 15.38 -3.41 25.43
C ALA C 126 14.46 -4.03 24.38
N VAL C 127 13.31 -4.55 24.82
CA VAL C 127 12.21 -5.10 23.98
C VAL C 127 10.91 -4.55 24.54
N LEU C 128 10.18 -3.77 23.74
CA LEU C 128 8.86 -3.21 24.09
C LEU C 128 7.79 -3.90 23.24
N LEU C 129 6.93 -4.66 23.90
CA LEU C 129 5.71 -5.23 23.28
C LEU C 129 4.75 -4.08 23.05
N PRO C 130 4.40 -3.76 21.77
CA PRO C 130 3.61 -2.57 21.46
C PRO C 130 2.13 -2.60 21.89
N ASP C 131 1.59 -3.82 22.06
CA ASP C 131 0.18 -4.11 22.41
C ASP C 131 -0.12 -3.54 23.80
N VAL C 132 0.94 -3.39 24.60
CA VAL C 132 0.89 -3.00 26.04
C VAL C 132 1.41 -1.58 26.17
N LEU C 133 0.55 -0.63 26.56
CA LEU C 133 0.93 0.76 26.90
C LEU C 133 1.33 0.83 28.38
N VAL C 134 2.31 1.67 28.71
CA VAL C 134 2.82 1.94 30.09
C VAL C 134 2.80 3.44 30.35
N LYS C 135 1.82 3.93 31.13
CA LYS C 135 1.66 5.35 31.52
C LYS C 135 2.49 5.60 32.78
N ASP C 136 3.48 6.49 32.70
CA ASP C 136 4.48 6.73 33.79
C ASP C 136 4.38 8.18 34.28
N GLY C 137 3.38 8.45 35.15
CA GLY C 137 3.08 9.79 35.70
C GLY C 137 4.07 10.21 36.78
N SER C 138 4.88 9.28 37.30
CA SER C 138 5.92 9.54 38.34
C SER C 138 6.68 10.83 38.03
N GLY C 139 7.23 10.93 36.83
CA GLY C 139 8.26 11.92 36.44
C GLY C 139 9.30 11.24 35.58
N GLN C 140 9.93 10.18 36.11
CA GLN C 140 10.75 9.22 35.31
C GLN C 140 9.81 8.12 34.79
N ASN C 141 10.16 7.51 33.65
CA ASN C 141 9.36 6.45 33.01
C ASN C 141 9.92 5.11 33.51
N ASP C 142 9.06 4.10 33.65
CA ASP C 142 9.41 2.79 34.26
C ASP C 142 10.62 2.20 33.52
N LEU C 143 10.83 2.55 32.25
CA LEU C 143 11.89 1.91 31.43
C LEU C 143 13.25 2.54 31.75
N SER C 144 13.32 3.84 32.11
CA SER C 144 14.59 4.53 32.49
C SER C 144 15.14 3.88 33.76
N ARG C 145 14.29 3.80 34.81
CA ARG C 145 14.52 3.07 36.09
C ARG C 145 15.06 1.66 35.81
N MET C 146 14.53 1.00 34.79
CA MET C 146 14.92 -0.39 34.42
C MET C 146 16.28 -0.36 33.72
N ILE C 147 16.44 0.47 32.69
CA ILE C 147 17.67 0.50 31.84
C ILE C 147 18.89 0.80 32.74
N SER C 148 18.78 1.73 33.71
CA SER C 148 19.89 2.16 34.60
C SER C 148 20.17 1.07 35.65
N ARG C 149 19.18 0.22 35.95
CA ARG C 149 19.29 -0.92 36.90
C ARG C 149 20.05 -2.08 36.23
N TYR C 150 19.87 -2.30 34.92
CA TYR C 150 20.67 -3.26 34.09
C TYR C 150 22.08 -2.69 33.94
N ASN C 151 22.19 -1.42 33.53
CA ASN C 151 23.48 -0.68 33.48
C ASN C 151 24.29 -1.01 34.74
N SER C 152 23.70 -0.78 35.93
CA SER C 152 24.36 -0.87 37.26
C SER C 152 24.57 -2.33 37.68
N SER C 153 23.52 -3.15 37.62
CA SER C 153 23.50 -4.56 38.10
C SER C 153 23.97 -5.51 37.00
N GLN C 154 24.00 -5.05 35.74
CA GLN C 154 24.36 -5.84 34.53
C GLN C 154 23.49 -7.11 34.44
N ALA C 155 22.33 -7.10 35.11
CA ALA C 155 21.43 -8.26 35.29
C ALA C 155 20.15 -8.04 34.47
N ALA C 156 19.88 -8.96 33.54
CA ALA C 156 18.72 -8.96 32.62
C ALA C 156 17.45 -8.59 33.38
N GLN C 157 16.90 -7.40 33.13
CA GLN C 157 15.65 -6.87 33.77
C GLN C 157 14.41 -7.42 33.08
N ILE C 158 13.32 -7.57 33.83
CA ILE C 158 11.99 -8.05 33.36
C ILE C 158 10.91 -7.34 34.18
N MET C 159 10.15 -6.45 33.54
CA MET C 159 9.05 -5.70 34.20
C MET C 159 7.98 -6.70 34.58
N VAL C 160 7.48 -6.63 35.81
CA VAL C 160 6.37 -7.51 36.30
C VAL C 160 5.42 -6.67 37.13
N GLU C 161 4.14 -7.04 37.17
CA GLU C 161 3.12 -6.44 38.07
C GLU C 161 2.04 -7.47 38.38
N ALA C 162 1.29 -7.23 39.46
CA ALA C 162 0.33 -8.16 40.10
C ALA C 162 -0.93 -8.27 39.24
N VAL C 163 -1.48 -9.49 39.11
CA VAL C 163 -2.73 -9.81 38.37
C VAL C 163 -3.54 -10.81 39.19
N PRO C 164 -4.88 -10.72 39.21
CA PRO C 164 -5.72 -11.61 40.01
C PRO C 164 -5.29 -13.08 39.83
N ASP C 165 -5.46 -13.91 40.87
CA ASP C 165 -4.92 -15.31 40.91
C ASP C 165 -5.50 -16.12 39.74
N HIS C 166 -6.73 -15.81 39.30
CA HIS C 166 -7.29 -16.24 37.99
C HIS C 166 -6.84 -15.21 36.94
N LEU C 167 -6.76 -15.59 35.67
CA LEU C 167 -6.19 -14.72 34.60
C LEU C 167 -4.67 -14.60 34.77
N VAL C 168 -4.00 -15.57 35.43
CA VAL C 168 -2.51 -15.68 35.47
C VAL C 168 -2.06 -16.54 34.30
N ASP C 169 -2.99 -17.26 33.68
CA ASP C 169 -2.70 -18.21 32.56
C ASP C 169 -2.62 -17.45 31.23
N GLN C 170 -2.88 -16.13 31.24
CA GLN C 170 -2.70 -15.25 30.05
C GLN C 170 -1.21 -14.93 29.92
N TYR C 171 -0.59 -14.39 30.97
CA TYR C 171 0.78 -13.83 30.93
C TYR C 171 1.80 -14.94 31.20
N GLY C 172 3.09 -14.63 31.05
CA GLY C 172 4.20 -15.41 31.62
C GLY C 172 4.54 -14.88 33.00
N ILE C 173 4.51 -15.72 34.04
CA ILE C 173 4.71 -15.28 35.47
C ILE C 173 6.12 -15.70 35.91
N VAL C 174 6.69 -14.95 36.87
CA VAL C 174 8.10 -15.07 37.35
C VAL C 174 8.12 -15.81 38.70
N ASP C 175 9.27 -16.38 39.02
CA ASP C 175 9.53 -17.09 40.31
C ASP C 175 10.34 -16.15 41.20
N VAL C 176 9.65 -15.34 42.01
CA VAL C 176 10.28 -14.32 42.89
C VAL C 176 10.57 -14.94 44.26
N ALA C 177 11.78 -14.67 44.80
CA ALA C 177 12.25 -15.09 46.14
C ALA C 177 11.54 -14.27 47.23
N GLN C 178 11.88 -12.99 47.39
CA GLN C 178 11.47 -12.12 48.54
C GLN C 178 10.37 -11.10 48.13
N SER C 179 9.73 -11.27 46.98
CA SER C 179 8.54 -10.48 46.51
C SER C 179 8.88 -8.99 46.37
N PRO C 180 9.40 -8.55 45.20
CA PRO C 180 9.96 -7.20 45.06
C PRO C 180 8.95 -6.06 45.25
N ASN C 181 9.47 -4.85 45.46
CA ASN C 181 8.73 -3.66 45.95
C ASN C 181 8.57 -2.65 44.80
N GLU C 182 7.59 -1.74 44.93
CA GLU C 182 7.09 -0.83 43.85
C GLU C 182 8.25 0.00 43.26
N GLY C 183 8.65 -0.34 42.04
CA GLY C 183 9.69 0.39 41.29
C GLY C 183 11.09 -0.05 41.70
N GLU C 184 11.29 -1.32 42.05
CA GLU C 184 12.62 -1.89 42.39
C GLU C 184 12.64 -3.42 42.17
N SER C 185 13.83 -3.96 41.91
CA SER C 185 14.07 -5.36 41.44
C SER C 185 14.28 -6.32 42.62
N ILE C 186 14.22 -7.63 42.32
CA ILE C 186 14.53 -8.78 43.21
C ILE C 186 14.90 -9.94 42.30
N ALA C 187 16.05 -10.59 42.52
CA ALA C 187 16.53 -11.76 41.74
C ALA C 187 15.42 -12.83 41.69
N MET C 188 15.21 -13.44 40.52
CA MET C 188 14.15 -14.45 40.28
C MET C 188 14.80 -15.81 39.93
N GLN C 189 14.20 -16.91 40.41
CA GLN C 189 14.75 -18.29 40.34
C GLN C 189 14.42 -18.92 38.99
N GLY C 190 13.20 -18.68 38.48
CA GLY C 190 12.67 -19.27 37.24
C GLY C 190 11.59 -18.39 36.61
N ILE C 191 11.07 -18.79 35.44
CA ILE C 191 9.93 -18.12 34.75
C ILE C 191 9.27 -19.15 33.85
N VAL C 192 7.95 -19.08 33.70
CA VAL C 192 7.13 -20.04 32.90
C VAL C 192 6.07 -19.24 32.15
N GLU C 193 5.66 -19.74 30.99
CA GLU C 193 4.73 -19.04 30.05
C GLU C 193 3.31 -19.58 30.19
N LYS C 194 2.34 -18.66 30.29
CA LYS C 194 0.89 -18.94 30.34
C LYS C 194 0.69 -20.23 31.14
N PRO C 195 1.12 -20.28 32.43
CA PRO C 195 1.01 -21.49 33.24
C PRO C 195 -0.44 -21.71 33.66
N PRO C 196 -0.87 -22.97 33.91
CA PRO C 196 -2.26 -23.27 34.26
C PRO C 196 -2.69 -22.62 35.59
N VAL C 197 -3.87 -22.02 35.60
CA VAL C 197 -4.47 -21.34 36.80
C VAL C 197 -4.48 -22.35 37.95
N GLY C 198 -3.46 -22.30 38.80
CA GLY C 198 -3.16 -23.31 39.83
C GLY C 198 -1.66 -23.50 39.99
N ALA C 199 -0.96 -23.90 38.93
CA ALA C 199 0.49 -24.22 38.91
C ALA C 199 1.31 -22.94 38.70
N ALA C 200 1.06 -21.93 39.54
CA ALA C 200 1.52 -20.52 39.37
C ALA C 200 2.56 -20.16 40.42
N PRO C 201 3.88 -20.21 40.12
CA PRO C 201 4.90 -19.59 40.97
C PRO C 201 4.48 -18.35 41.78
N SER C 202 3.82 -17.36 41.16
CA SER C 202 3.37 -16.11 41.83
C SER C 202 2.14 -15.54 41.12
N ASN C 203 1.74 -14.31 41.50
CA ASN C 203 0.70 -13.53 40.79
C ASN C 203 1.36 -12.34 40.06
N LEU C 204 2.68 -12.44 39.76
CA LEU C 204 3.48 -11.39 39.06
C LEU C 204 3.65 -11.78 37.58
N SER C 205 3.00 -11.02 36.68
CA SER C 205 2.95 -11.25 35.21
C SER C 205 4.08 -10.49 34.52
N VAL C 206 4.77 -11.12 33.59
CA VAL C 206 5.64 -10.42 32.58
C VAL C 206 4.75 -9.43 31.86
N VAL C 207 5.09 -8.15 31.89
CA VAL C 207 4.23 -7.03 31.42
C VAL C 207 4.40 -6.85 29.90
N GLY C 208 5.65 -6.81 29.42
CA GLY C 208 5.98 -6.51 28.01
C GLY C 208 7.23 -5.65 27.86
N ARG C 209 7.75 -5.11 28.96
CA ARG C 209 9.05 -4.41 29.02
C ARG C 209 10.11 -5.42 29.47
N TYR C 210 11.20 -5.53 28.71
CA TYR C 210 12.38 -6.35 29.07
C TYR C 210 13.66 -5.60 28.65
N VAL C 211 14.75 -5.75 29.40
CA VAL C 211 16.14 -5.38 28.98
C VAL C 211 17.01 -6.63 29.06
N LEU C 212 17.73 -6.94 27.98
CA LEU C 212 18.28 -8.29 27.71
C LEU C 212 19.69 -8.15 27.15
N PRO C 213 20.65 -9.02 27.53
CA PRO C 213 21.93 -9.10 26.83
C PRO C 213 21.83 -9.84 25.48
N ALA C 214 22.64 -9.41 24.50
CA ALA C 214 22.71 -10.01 23.14
C ALA C 214 23.25 -11.45 23.23
N LYS C 215 23.47 -11.95 24.45
CA LYS C 215 23.56 -13.42 24.74
C LYS C 215 22.27 -14.09 24.24
N ILE C 216 21.10 -13.49 24.54
CA ILE C 216 19.73 -14.04 24.23
C ILE C 216 19.68 -14.62 22.81
N MET C 217 20.20 -13.87 21.84
CA MET C 217 20.12 -14.20 20.38
C MET C 217 20.71 -15.60 20.15
N GLN C 218 21.76 -15.95 20.90
CA GLN C 218 22.47 -17.26 20.80
C GLN C 218 21.68 -18.32 21.58
N LEU C 219 21.03 -17.93 22.69
CA LEU C 219 20.05 -18.78 23.41
C LEU C 219 18.83 -19.03 22.52
N LEU C 220 18.19 -17.95 22.04
CA LEU C 220 16.95 -18.00 21.19
C LEU C 220 17.15 -18.92 19.98
N GLU C 221 18.34 -18.93 19.37
CA GLU C 221 18.61 -19.74 18.16
C GLU C 221 18.52 -21.23 18.53
N ASN C 222 18.64 -21.59 19.83
CA ASN C 222 18.64 -22.98 20.33
C ASN C 222 17.59 -23.21 21.43
N THR C 223 16.38 -22.64 21.31
CA THR C 223 15.23 -23.02 22.16
C THR C 223 14.13 -23.58 21.26
N PRO C 224 13.46 -24.66 21.69
CA PRO C 224 12.42 -25.29 20.87
C PRO C 224 11.07 -24.61 21.14
N LYS C 225 10.04 -25.07 20.44
CA LYS C 225 8.69 -24.49 20.50
C LYS C 225 8.14 -24.70 21.93
N GLY C 226 7.91 -23.60 22.66
CA GLY C 226 7.22 -23.59 23.98
C GLY C 226 5.71 -23.73 23.82
N ALA C 227 4.93 -22.87 24.49
CA ALA C 227 3.44 -22.84 24.48
C ALA C 227 2.89 -22.63 23.05
N GLY C 228 2.15 -23.60 22.53
CA GLY C 228 1.82 -23.69 21.09
C GLY C 228 3.08 -23.97 20.30
N ASN C 229 3.02 -23.95 18.98
CA ASN C 229 4.20 -24.24 18.12
C ASN C 229 5.04 -22.96 18.01
N GLU C 230 5.16 -22.23 19.11
CA GLU C 230 5.74 -20.86 19.14
C GLU C 230 7.01 -20.88 19.99
N ILE C 231 8.08 -20.29 19.45
CA ILE C 231 9.35 -20.07 20.19
C ILE C 231 9.10 -18.91 21.15
N GLN C 232 8.90 -19.21 22.44
CA GLN C 232 8.65 -18.17 23.47
C GLN C 232 9.97 -17.47 23.81
N LEU C 233 9.88 -16.24 24.27
CA LEU C 233 11.06 -15.49 24.76
C LEU C 233 11.31 -15.95 26.18
N THR C 234 10.23 -15.95 26.97
CA THR C 234 10.17 -16.40 28.38
C THR C 234 10.97 -17.70 28.56
N ASP C 235 10.90 -18.64 27.61
CA ASP C 235 11.66 -19.92 27.65
C ASP C 235 13.17 -19.66 27.47
N ALA C 236 13.55 -18.73 26.59
CA ALA C 236 14.96 -18.32 26.36
C ALA C 236 15.47 -17.50 27.56
N ILE C 237 14.58 -16.80 28.27
CA ILE C 237 14.87 -16.00 29.50
C ILE C 237 15.21 -16.94 30.65
N ALA C 238 14.58 -18.12 30.70
CA ALA C 238 14.89 -19.23 31.64
C ALA C 238 16.32 -19.70 31.40
N MET C 239 16.65 -20.02 30.14
CA MET C 239 17.96 -20.57 29.69
C MET C 239 19.11 -19.61 30.04
N LEU C 240 18.82 -18.33 30.32
CA LEU C 240 19.81 -17.32 30.81
C LEU C 240 19.89 -17.35 32.34
N GLN C 241 18.78 -17.70 33.01
CA GLN C 241 18.70 -17.86 34.50
C GLN C 241 19.62 -19.00 34.93
N ASP C 242 19.84 -19.99 34.04
CA ASP C 242 20.73 -21.17 34.24
C ASP C 242 22.16 -20.72 34.55
N THR C 243 22.60 -19.56 34.01
CA THR C 243 24.00 -19.06 34.08
C THR C 243 24.05 -17.70 34.80
N ASP C 244 23.36 -16.68 34.29
CA ASP C 244 23.55 -15.26 34.69
C ASP C 244 22.37 -14.83 35.57
N THR C 245 22.61 -13.93 36.52
CA THR C 245 21.60 -13.38 37.46
C THR C 245 20.56 -12.59 36.64
N VAL C 246 19.30 -12.98 36.74
CA VAL C 246 18.14 -12.33 36.07
C VAL C 246 17.25 -11.70 37.15
N GLU C 247 16.96 -10.40 37.04
CA GLU C 247 16.14 -9.67 38.05
C GLU C 247 14.73 -9.46 37.51
N ALA C 248 13.79 -9.10 38.40
CA ALA C 248 12.36 -8.94 38.10
C ALA C 248 11.87 -7.58 38.61
N TYR C 249 12.05 -6.53 37.80
CA TYR C 249 11.66 -5.14 38.13
C TYR C 249 10.14 -5.05 38.23
N ARG C 250 9.63 -4.49 39.33
CA ARG C 250 8.18 -4.32 39.56
C ARG C 250 7.72 -2.94 39.05
N MET C 251 6.57 -2.92 38.35
CA MET C 251 5.94 -1.69 37.80
C MET C 251 5.75 -0.63 38.89
N GLN C 252 6.06 0.63 38.58
CA GLN C 252 5.71 1.83 39.38
C GLN C 252 4.55 2.55 38.69
N GLY C 253 4.36 2.37 37.38
CA GLY C 253 3.40 3.13 36.55
C GLY C 253 2.00 2.54 36.56
N GLN C 254 1.36 2.46 35.38
CA GLN C 254 0.02 1.83 35.17
C GLN C 254 -0.09 1.42 33.70
N THR C 255 -0.44 0.16 33.40
CA THR C 255 -0.44 -0.42 32.03
C THR C 255 -1.84 -0.36 31.40
N PHE C 256 -1.92 -0.68 30.10
CA PHE C 256 -3.16 -1.08 29.39
C PHE C 256 -2.81 -2.13 28.33
N ASP C 257 -3.68 -3.13 28.11
CA ASP C 257 -3.55 -4.12 27.00
C ASP C 257 -4.61 -3.84 25.93
N CYS C 258 -4.24 -3.06 24.91
CA CYS C 258 -5.05 -2.77 23.70
C CYS C 258 -5.25 -4.05 22.89
N GLY C 259 -4.55 -5.13 23.27
CA GLY C 259 -4.93 -6.50 22.91
C GLY C 259 -6.40 -6.74 23.24
N SER C 260 -6.79 -6.48 24.50
CA SER C 260 -8.19 -6.62 24.99
C SER C 260 -8.98 -5.35 24.65
N LYS C 261 -10.30 -5.47 24.55
CA LYS C 261 -11.19 -4.41 24.01
C LYS C 261 -11.34 -3.31 25.06
N LEU C 262 -11.26 -3.70 26.34
CA LEU C 262 -11.45 -2.81 27.52
C LEU C 262 -10.15 -2.06 27.79
N GLY C 263 -9.02 -2.79 27.86
CA GLY C 263 -7.65 -2.23 27.88
C GLY C 263 -7.58 -0.98 27.03
N TYR C 264 -7.96 -1.09 25.75
CA TYR C 264 -8.12 0.03 24.78
C TYR C 264 -9.01 1.09 25.42
N LEU C 265 -10.32 0.81 25.57
CA LEU C 265 -11.30 1.76 26.16
C LEU C 265 -10.68 2.47 27.38
N LYS C 266 -10.01 1.73 28.26
CA LYS C 266 -9.46 2.28 29.53
C LYS C 266 -8.34 3.29 29.20
N ALA C 267 -7.48 2.98 28.23
CA ALA C 267 -6.35 3.85 27.76
C ALA C 267 -6.88 5.12 27.11
N VAL C 268 -7.98 5.02 26.33
CA VAL C 268 -8.67 6.15 25.64
C VAL C 268 -9.40 7.03 26.68
N LEU C 269 -9.70 6.50 27.87
CA LEU C 269 -10.22 7.30 29.01
C LEU C 269 -9.06 7.98 29.73
N HIS C 270 -8.05 7.24 30.18
CA HIS C 270 -6.97 7.78 31.04
C HIS C 270 -6.15 8.82 30.28
N TYR C 271 -5.45 8.40 29.22
CA TYR C 271 -4.68 9.28 28.32
C TYR C 271 -5.56 10.44 27.86
N GLY C 272 -6.86 10.17 27.65
CA GLY C 272 -7.89 11.15 27.27
C GLY C 272 -8.12 12.27 28.29
N LEU C 273 -8.20 11.96 29.60
CA LEU C 273 -8.44 12.94 30.69
C LEU C 273 -7.19 13.80 30.91
N GLU C 274 -6.01 13.18 30.85
CA GLU C 274 -4.68 13.84 30.99
C GLU C 274 -4.18 14.31 29.63
N HIS C 275 -5.09 14.58 28.69
CA HIS C 275 -4.72 15.23 27.39
C HIS C 275 -4.53 16.72 27.64
N PRO C 276 -3.44 17.32 27.11
CA PRO C 276 -3.27 18.79 27.09
C PRO C 276 -4.55 19.53 26.62
N LYS C 277 -4.77 19.56 25.30
CA LYS C 277 -5.76 20.41 24.59
C LYS C 277 -7.19 19.91 24.81
N LEU C 278 -7.41 18.63 25.16
CA LEU C 278 -8.75 17.99 25.20
C LEU C 278 -9.14 17.56 26.63
N GLY C 279 -8.16 17.34 27.51
CA GLY C 279 -8.40 16.85 28.89
C GLY C 279 -9.61 17.54 29.50
N MET C 280 -9.58 18.88 29.50
CA MET C 280 -10.52 19.77 30.23
C MET C 280 -11.95 19.57 29.70
N GLU C 281 -12.10 19.49 28.37
CA GLU C 281 -13.42 19.43 27.68
C GLU C 281 -13.88 17.97 27.62
N PHE C 282 -12.95 17.01 27.56
CA PHE C 282 -13.25 15.56 27.61
C PHE C 282 -13.83 15.24 28.99
N LYS C 283 -13.16 15.78 30.03
CA LYS C 283 -13.62 15.71 31.45
C LYS C 283 -15.04 16.25 31.51
N GLN C 284 -15.34 17.29 30.71
CA GLN C 284 -16.67 17.93 30.58
C GLN C 284 -17.68 16.95 29.99
N LEU C 285 -17.30 16.25 28.91
CA LEU C 285 -18.19 15.35 28.13
C LEU C 285 -18.63 14.15 28.97
N ILE C 286 -17.71 13.60 29.79
CA ILE C 286 -17.95 12.42 30.67
C ILE C 286 -19.04 12.78 31.70
N LEU C 287 -19.06 14.04 32.13
CA LEU C 287 -20.04 14.57 33.12
C LEU C 287 -21.40 14.79 32.47
N GLU C 288 -21.45 14.94 31.14
CA GLU C 288 -22.69 15.25 30.37
C GLU C 288 -23.42 13.96 29.94
N LEU C 289 -23.08 12.80 30.54
CA LEU C 289 -23.49 11.46 30.03
C LEU C 289 -24.91 11.07 30.48
N LYS C 290 -25.45 11.66 31.56
CA LYS C 290 -26.78 11.31 32.13
C LYS C 290 -27.20 12.36 33.16
N MET D 1 36.14 -8.88 7.33
CA MET D 1 35.36 -9.48 6.20
C MET D 1 34.19 -8.56 5.85
N ILE D 2 33.98 -8.24 4.57
CA ILE D 2 32.93 -7.29 4.10
C ILE D 2 31.60 -8.05 3.99
N LYS D 3 30.60 -7.64 4.79
CA LYS D 3 29.32 -8.37 5.01
C LYS D 3 28.09 -7.57 4.54
N LYS D 4 28.06 -6.26 4.79
CA LYS D 4 26.86 -5.39 4.64
C LYS D 4 26.96 -4.51 3.37
N ALA D 5 26.07 -4.72 2.40
CA ALA D 5 25.84 -3.82 1.24
C ALA D 5 24.79 -2.78 1.63
N VAL D 6 24.78 -1.61 0.96
CA VAL D 6 23.86 -0.47 1.28
C VAL D 6 23.27 0.07 -0.02
N LEU D 7 22.14 -0.48 -0.49
CA LEU D 7 21.47 -0.05 -1.76
C LEU D 7 20.62 1.19 -1.47
N PRO D 8 20.96 2.35 -2.07
CA PRO D 8 20.14 3.56 -1.93
C PRO D 8 19.02 3.53 -2.99
N VAL D 9 17.78 3.34 -2.53
CA VAL D 9 16.57 3.08 -3.39
C VAL D 9 15.48 4.01 -2.86
N ALA D 10 15.77 5.31 -2.75
CA ALA D 10 14.89 6.35 -2.18
C ALA D 10 14.52 7.38 -3.25
N GLY D 11 15.25 7.42 -4.36
CA GLY D 11 14.94 8.32 -5.48
C GLY D 11 13.75 7.81 -6.26
N LEU D 12 12.76 8.68 -6.48
CA LEU D 12 11.70 8.50 -7.52
C LEU D 12 12.42 8.22 -8.85
N GLY D 13 11.68 7.86 -9.89
CA GLY D 13 12.30 7.34 -11.13
C GLY D 13 12.18 8.28 -12.31
N THR D 14 12.14 9.60 -12.06
CA THR D 14 11.89 10.67 -13.10
C THR D 14 12.53 10.28 -14.44
N ARG D 15 13.74 9.72 -14.38
CA ARG D 15 14.53 9.25 -15.56
C ARG D 15 13.85 8.07 -16.26
N PHE D 16 13.12 7.18 -15.58
CA PHE D 16 12.39 6.08 -16.28
C PHE D 16 10.88 6.15 -16.01
N LEU D 17 10.21 7.03 -16.74
CA LEU D 17 8.74 7.25 -16.69
C LEU D 17 8.19 7.02 -18.10
N PRO D 18 6.90 6.66 -18.27
CA PRO D 18 5.98 6.47 -17.14
C PRO D 18 6.04 5.07 -16.49
N ALA D 19 7.03 4.24 -16.87
CA ALA D 19 7.27 2.88 -16.34
C ALA D 19 7.15 2.87 -14.80
N SER D 20 7.98 3.68 -14.16
CA SER D 20 8.14 3.75 -12.69
C SER D 20 7.20 4.79 -12.09
N LYS D 21 6.08 5.09 -12.73
CA LYS D 21 5.12 6.06 -12.14
C LYS D 21 4.49 5.42 -10.91
N SER D 22 3.87 4.24 -11.05
CA SER D 22 3.06 3.57 -9.99
C SER D 22 3.91 2.53 -9.23
N ILE D 23 4.91 1.95 -9.90
CA ILE D 23 5.85 0.95 -9.31
C ILE D 23 7.18 1.67 -9.08
N PRO D 24 8.10 1.13 -8.27
CA PRO D 24 9.44 1.69 -8.14
C PRO D 24 10.28 1.34 -9.38
N LYS D 25 11.27 2.18 -9.72
CA LYS D 25 12.20 1.96 -10.85
C LYS D 25 12.89 0.60 -10.67
N GLU D 26 13.13 0.19 -9.42
CA GLU D 26 13.90 -1.03 -9.07
C GLU D 26 13.10 -2.28 -9.42
N MET D 27 11.76 -2.21 -9.43
CA MET D 27 10.85 -3.36 -9.73
C MET D 27 10.46 -3.36 -11.20
N VAL D 28 11.18 -2.60 -12.04
CA VAL D 28 11.08 -2.61 -13.52
C VAL D 28 11.45 -4.01 -14.02
N THR D 29 10.52 -4.74 -14.64
CA THR D 29 10.69 -6.17 -15.00
C THR D 29 11.68 -6.27 -16.17
N VAL D 30 12.78 -7.01 -15.93
CA VAL D 30 13.90 -7.33 -16.88
C VAL D 30 13.79 -8.80 -17.30
N VAL D 31 13.23 -9.07 -18.48
CA VAL D 31 12.87 -10.43 -18.99
C VAL D 31 11.68 -10.95 -18.18
N ASP D 32 11.92 -11.45 -16.95
CA ASP D 32 10.91 -12.17 -16.13
C ASP D 32 11.10 -11.91 -14.63
N ARG D 33 11.84 -10.86 -14.23
CA ARG D 33 12.07 -10.57 -12.79
C ARG D 33 12.46 -9.11 -12.59
N PRO D 34 12.26 -8.55 -11.37
CA PRO D 34 12.61 -7.16 -11.08
C PRO D 34 14.12 -6.92 -11.21
N ALA D 35 14.50 -5.67 -11.43
CA ALA D 35 15.90 -5.26 -11.62
C ALA D 35 16.67 -5.51 -10.32
N ILE D 36 16.23 -4.87 -9.24
CA ILE D 36 16.85 -4.99 -7.89
C ILE D 36 17.35 -6.42 -7.68
N GLU D 37 16.54 -7.45 -8.00
CA GLU D 37 16.92 -8.88 -7.83
C GLU D 37 18.37 -9.06 -8.31
N TYR D 38 18.62 -8.84 -9.60
CA TYR D 38 19.94 -8.97 -10.28
C TYR D 38 21.04 -8.30 -9.47
N VAL D 39 20.75 -7.12 -8.90
CA VAL D 39 21.72 -6.31 -8.11
C VAL D 39 21.92 -6.94 -6.73
N VAL D 40 20.90 -7.60 -6.19
CA VAL D 40 20.98 -8.27 -4.86
C VAL D 40 21.56 -9.68 -5.05
N ARG D 41 21.34 -10.30 -6.21
CA ARG D 41 21.96 -11.60 -6.58
C ARG D 41 23.45 -11.34 -6.88
N GLU D 42 23.84 -10.08 -7.06
CA GLU D 42 25.26 -9.62 -7.18
C GLU D 42 25.89 -9.67 -5.78
N ALA D 43 25.36 -8.84 -4.86
CA ALA D 43 25.81 -8.67 -3.47
C ALA D 43 26.04 -10.04 -2.81
N VAL D 44 24.99 -10.87 -2.77
CA VAL D 44 25.00 -12.25 -2.20
C VAL D 44 26.12 -13.07 -2.86
N GLU D 45 26.11 -13.23 -4.19
CA GLU D 45 27.09 -14.07 -4.94
C GLU D 45 28.53 -13.62 -4.64
N ALA D 46 28.73 -12.48 -3.97
CA ALA D 46 30.03 -11.99 -3.45
C ALA D 46 30.04 -12.02 -1.92
N GLY D 47 29.23 -12.87 -1.31
CA GLY D 47 29.25 -13.14 0.15
C GLY D 47 28.79 -11.98 1.00
N ILE D 48 27.87 -11.15 0.50
CA ILE D 48 27.11 -10.14 1.31
C ILE D 48 25.93 -10.86 1.96
N GLU D 49 25.59 -10.50 3.19
CA GLU D 49 24.58 -11.20 4.02
C GLU D 49 23.64 -10.23 4.72
N GLN D 50 23.84 -8.91 4.58
CA GLN D 50 22.90 -7.90 5.13
C GLN D 50 22.68 -6.79 4.09
N ILE D 51 21.74 -7.01 3.18
CA ILE D 51 21.28 -6.03 2.15
C ILE D 51 20.54 -4.90 2.88
N ILE D 52 21.19 -3.76 3.16
CA ILE D 52 20.52 -2.58 3.76
C ILE D 52 19.83 -1.77 2.66
N LEU D 53 18.53 -1.49 2.84
CA LEU D 53 17.74 -0.63 1.93
C LEU D 53 17.54 0.73 2.60
N VAL D 54 18.02 1.78 1.95
CA VAL D 54 17.54 3.18 2.18
C VAL D 54 16.41 3.42 1.16
N THR D 55 15.15 3.42 1.62
CA THR D 55 13.93 3.44 0.77
C THR D 55 13.08 4.69 1.03
N HIS D 56 11.95 4.74 0.35
CA HIS D 56 10.94 5.82 0.40
C HIS D 56 9.56 5.20 0.72
N SER D 57 8.70 5.97 1.39
CA SER D 57 7.23 5.75 1.51
C SER D 57 6.72 4.87 0.37
N SER D 58 7.13 5.15 -0.87
CA SER D 58 6.49 4.65 -2.11
C SER D 58 7.10 3.33 -2.59
N LYS D 59 7.87 2.62 -1.75
CA LYS D 59 8.76 1.53 -2.25
C LYS D 59 8.64 0.29 -1.36
N ALA D 60 7.41 0.00 -0.90
CA ALA D 60 7.07 -1.23 -0.14
C ALA D 60 7.31 -2.47 -1.01
N SER D 61 7.04 -2.37 -2.32
CA SER D 61 7.14 -3.45 -3.33
C SER D 61 8.51 -4.13 -3.26
N ILE D 62 9.58 -3.42 -2.87
CA ILE D 62 10.94 -4.01 -2.79
C ILE D 62 10.97 -4.92 -1.56
N GLU D 63 10.56 -4.38 -0.41
CA GLU D 63 10.64 -5.06 0.91
C GLU D 63 9.80 -6.33 0.86
N ASN D 64 8.61 -6.24 0.26
CA ASN D 64 7.66 -7.36 0.00
C ASN D 64 8.27 -8.41 -0.94
N TYR D 65 9.08 -8.02 -1.93
CA TYR D 65 9.63 -8.96 -2.94
C TYR D 65 10.70 -9.86 -2.32
N PHE D 66 11.32 -9.43 -1.22
CA PHE D 66 12.35 -10.20 -0.45
C PHE D 66 11.74 -10.59 0.90
N ASP D 67 10.56 -11.22 0.83
CA ASP D 67 9.77 -11.73 1.99
C ASP D 67 8.78 -12.74 1.43
N ARG D 68 8.10 -13.49 2.30
CA ARG D 68 7.12 -14.52 1.90
C ARG D 68 5.76 -13.85 1.60
N ASN D 69 5.25 -14.07 0.39
CA ASN D 69 3.90 -13.65 -0.06
C ASN D 69 2.92 -14.78 0.29
N PHE D 70 2.25 -14.69 1.44
CA PHE D 70 1.44 -15.80 2.02
C PHE D 70 0.40 -16.32 1.03
N GLU D 71 -0.50 -15.46 0.53
CA GLU D 71 -1.65 -15.88 -0.33
C GLU D 71 -1.11 -16.60 -1.56
N LEU D 72 0.03 -16.14 -2.08
CA LEU D 72 0.68 -16.70 -3.29
C LEU D 72 1.34 -18.04 -2.97
N GLU D 73 2.05 -18.13 -1.84
CA GLU D 73 2.72 -19.39 -1.40
C GLU D 73 1.64 -20.45 -1.23
N THR D 74 0.58 -20.20 -0.45
CA THR D 74 -0.46 -21.22 -0.10
C THR D 74 -1.23 -21.65 -1.36
N THR D 75 -1.45 -20.76 -2.32
CA THR D 75 -2.15 -21.11 -3.59
C THR D 75 -1.22 -22.04 -4.41
N LEU D 76 0.08 -21.76 -4.48
CA LEU D 76 1.06 -22.57 -5.27
C LEU D 76 1.37 -23.90 -4.57
N GLU D 77 1.47 -23.93 -3.22
CA GLU D 77 1.72 -25.16 -2.40
C GLU D 77 0.60 -26.17 -2.62
N GLN D 78 -0.66 -25.73 -2.46
CA GLN D 78 -1.88 -26.55 -2.74
C GLN D 78 -1.81 -27.11 -4.17
N LYS D 79 -1.70 -26.28 -5.20
CA LYS D 79 -1.72 -26.69 -6.64
C LYS D 79 -0.50 -27.58 -6.99
N LYS D 80 0.46 -27.74 -6.06
CA LYS D 80 1.73 -28.53 -6.21
C LYS D 80 2.48 -28.08 -7.48
N LYS D 81 2.46 -26.78 -7.79
CA LYS D 81 3.29 -26.13 -8.84
C LYS D 81 4.65 -25.74 -8.22
N PHE D 82 5.47 -26.74 -7.90
CA PHE D 82 6.75 -26.56 -7.19
C PHE D 82 7.71 -25.73 -8.06
N ASP D 83 7.54 -25.72 -9.39
CA ASP D 83 8.40 -24.91 -10.29
C ASP D 83 8.33 -23.44 -9.83
N LEU D 84 7.13 -22.87 -9.88
CA LEU D 84 6.86 -21.41 -9.65
C LEU D 84 7.08 -21.07 -8.18
N LEU D 85 6.63 -21.92 -7.27
CA LEU D 85 6.92 -21.79 -5.83
C LEU D 85 8.43 -21.59 -5.62
N ALA D 86 9.27 -22.36 -6.34
CA ALA D 86 10.75 -22.23 -6.36
C ALA D 86 11.17 -20.77 -6.59
N GLU D 87 10.70 -20.18 -7.70
CA GLU D 87 11.02 -18.80 -8.15
C GLU D 87 10.64 -17.76 -7.08
N ILE D 88 9.67 -17.98 -6.18
CA ILE D 88 9.26 -16.93 -5.19
C ILE D 88 9.86 -17.19 -3.81
N THR D 89 10.14 -18.44 -3.44
CA THR D 89 10.21 -18.82 -2.00
C THR D 89 11.60 -18.53 -1.43
N GLN D 90 12.66 -18.93 -2.16
CA GLN D 90 14.08 -18.66 -1.81
C GLN D 90 14.65 -17.77 -2.90
N ILE D 91 14.46 -16.45 -2.76
CA ILE D 91 15.03 -15.42 -3.66
C ILE D 91 16.47 -15.15 -3.20
N VAL D 92 16.64 -14.77 -1.93
CA VAL D 92 17.96 -14.69 -1.25
C VAL D 92 18.01 -15.77 -0.17
N PRO D 93 19.06 -16.62 -0.16
CA PRO D 93 19.25 -17.64 0.88
C PRO D 93 19.02 -17.23 2.35
N GLU D 94 18.47 -18.16 3.16
CA GLU D 94 17.89 -17.97 4.52
C GLU D 94 18.79 -17.14 5.46
N HIS D 95 20.10 -17.13 5.26
CA HIS D 95 21.05 -16.44 6.18
C HIS D 95 21.07 -14.93 5.89
N VAL D 96 20.52 -14.49 4.74
CA VAL D 96 20.61 -13.07 4.25
C VAL D 96 19.49 -12.23 4.87
N SER D 97 19.84 -11.30 5.76
CA SER D 97 18.92 -10.28 6.32
C SER D 97 18.71 -9.16 5.29
N VAL D 98 17.48 -8.65 5.15
CA VAL D 98 17.17 -7.43 4.33
C VAL D 98 16.53 -6.38 5.23
N ILE D 99 17.18 -5.23 5.37
CA ILE D 99 16.91 -4.20 6.40
C ILE D 99 16.38 -2.94 5.72
N SER D 100 15.50 -2.18 6.39
CA SER D 100 14.91 -0.94 5.85
C SER D 100 15.22 0.22 6.79
N VAL D 101 15.57 1.36 6.20
CA VAL D 101 15.52 2.70 6.86
C VAL D 101 15.13 3.70 5.77
N ARG D 102 14.20 4.59 6.08
CA ARG D 102 13.67 5.61 5.14
C ARG D 102 14.67 6.78 5.04
N GLN D 103 14.99 7.22 3.82
CA GLN D 103 15.65 8.54 3.57
C GLN D 103 14.58 9.64 3.61
N PRO D 104 14.56 10.45 4.70
CA PRO D 104 13.41 11.29 5.02
C PRO D 104 13.11 12.26 3.88
N GLN D 105 14.14 12.97 3.39
CA GLN D 105 14.14 13.81 2.16
C GLN D 105 15.34 13.41 1.30
N PRO D 106 15.30 13.59 -0.04
CA PRO D 106 16.35 13.12 -0.93
C PRO D 106 17.43 14.18 -1.21
N LEU D 107 18.31 14.40 -0.23
CA LEU D 107 19.33 15.47 -0.26
C LEU D 107 20.63 14.94 -0.88
N GLY D 108 20.64 13.69 -1.36
CA GLY D 108 21.66 13.16 -2.31
C GLY D 108 22.30 11.85 -1.88
N LEU D 109 22.93 11.17 -2.85
CA LEU D 109 23.57 9.83 -2.73
C LEU D 109 24.45 9.73 -1.48
N GLY D 110 25.03 10.84 -1.04
CA GLY D 110 25.75 10.92 0.24
C GLY D 110 24.80 10.80 1.42
N HIS D 111 23.95 11.81 1.62
CA HIS D 111 22.86 11.83 2.64
C HIS D 111 22.17 10.45 2.67
N ALA D 112 21.92 9.87 1.49
CA ALA D 112 21.32 8.53 1.34
C ALA D 112 22.16 7.51 2.12
N VAL D 113 23.42 7.32 1.74
CA VAL D 113 24.32 6.31 2.35
C VAL D 113 24.51 6.61 3.84
N LEU D 114 24.44 7.89 4.24
CA LEU D 114 24.61 8.38 5.64
C LEU D 114 23.36 8.05 6.48
N CYS D 115 22.27 7.59 5.85
CA CYS D 115 21.03 7.17 6.56
C CYS D 115 21.21 5.74 7.10
N ALA D 116 22.09 4.94 6.49
CA ALA D 116 22.45 3.57 6.93
C ALA D 116 23.57 3.60 7.98
N LYS D 117 23.82 4.76 8.60
CA LYS D 117 24.98 4.96 9.50
C LYS D 117 24.86 4.00 10.68
N SER D 118 23.75 4.10 11.42
CA SER D 118 23.48 3.33 12.67
C SER D 118 23.55 1.82 12.41
N VAL D 119 22.99 1.36 11.29
CA VAL D 119 22.88 -0.07 10.91
C VAL D 119 24.24 -0.60 10.41
N VAL D 120 25.09 0.23 9.83
CA VAL D 120 26.45 -0.17 9.37
C VAL D 120 27.40 -0.16 10.59
N GLY D 121 27.19 0.78 11.51
CA GLY D 121 28.00 0.95 12.73
C GLY D 121 29.46 1.18 12.42
N GLU D 122 30.32 0.21 12.73
CA GLU D 122 31.80 0.29 12.56
C GLU D 122 32.24 -0.64 11.43
N ASP D 123 31.31 -1.39 10.80
CA ASP D 123 31.63 -2.34 9.70
C ASP D 123 31.95 -1.56 8.41
N ASP D 124 33.13 -1.83 7.83
CA ASP D 124 33.43 -1.49 6.42
C ASP D 124 32.31 -2.10 5.57
N PHE D 125 31.90 -1.45 4.47
CA PHE D 125 30.69 -1.79 3.69
C PHE D 125 30.80 -1.44 2.20
N ALA D 126 30.12 -2.23 1.38
CA ALA D 126 29.85 -1.98 -0.06
C ALA D 126 28.63 -1.06 -0.21
N VAL D 127 28.54 -0.35 -1.35
CA VAL D 127 27.35 0.43 -1.81
C VAL D 127 27.08 0.01 -3.25
N LEU D 128 25.86 -0.48 -3.54
CA LEU D 128 25.40 -0.80 -4.92
C LEU D 128 24.29 0.19 -5.31
N LEU D 129 24.53 0.97 -6.35
CA LEU D 129 23.48 1.81 -6.99
C LEU D 129 22.61 0.88 -7.84
N PRO D 130 21.36 0.59 -7.42
CA PRO D 130 20.49 -0.37 -8.11
C PRO D 130 20.10 0.03 -9.54
N ASP D 131 20.00 1.33 -9.83
CA ASP D 131 19.74 1.88 -11.19
C ASP D 131 20.66 1.19 -12.20
N VAL D 132 21.81 0.65 -11.76
CA VAL D 132 22.91 0.12 -12.64
C VAL D 132 23.14 -1.37 -12.37
N LEU D 133 22.90 -2.23 -13.37
CA LEU D 133 23.24 -3.68 -13.35
C LEU D 133 24.67 -3.88 -13.86
N VAL D 134 25.42 -4.79 -13.23
CA VAL D 134 26.72 -5.32 -13.73
C VAL D 134 26.49 -6.81 -14.05
N LYS D 135 26.86 -7.27 -15.26
CA LYS D 135 26.59 -8.67 -15.71
C LYS D 135 27.80 -9.57 -15.38
N ASP D 136 27.54 -10.59 -14.55
CA ASP D 136 28.44 -11.71 -14.13
C ASP D 136 29.45 -12.05 -15.24
N GLY D 137 30.74 -11.98 -14.92
CA GLY D 137 31.83 -12.32 -15.87
C GLY D 137 32.11 -13.81 -15.88
N SER D 138 33.31 -14.20 -16.33
CA SER D 138 33.85 -15.58 -16.24
C SER D 138 34.10 -15.91 -14.77
N GLY D 139 33.31 -16.83 -14.20
CA GLY D 139 33.44 -17.30 -12.81
C GLY D 139 33.18 -16.18 -11.81
N GLN D 140 34.25 -15.64 -11.21
CA GLN D 140 34.23 -14.49 -10.26
C GLN D 140 33.29 -13.39 -10.78
N ASN D 141 32.56 -12.73 -9.88
CA ASN D 141 31.73 -11.54 -10.18
C ASN D 141 32.50 -10.30 -9.70
N ASP D 142 32.53 -9.24 -10.51
CA ASP D 142 33.42 -8.07 -10.32
C ASP D 142 33.43 -7.66 -8.85
N LEU D 143 32.30 -7.73 -8.16
CA LEU D 143 32.21 -7.20 -6.79
C LEU D 143 33.08 -8.06 -5.86
N SER D 144 33.20 -9.38 -6.11
CA SER D 144 33.99 -10.32 -5.25
C SER D 144 35.46 -9.91 -5.33
N ARG D 145 35.96 -9.66 -6.56
CA ARG D 145 37.33 -9.18 -6.89
C ARG D 145 37.66 -7.92 -6.08
N MET D 146 36.73 -6.97 -6.02
CA MET D 146 36.89 -5.69 -5.26
C MET D 146 36.99 -6.00 -3.76
N ILE D 147 36.03 -6.74 -3.22
CA ILE D 147 35.93 -6.99 -1.75
C ILE D 147 37.25 -7.59 -1.26
N SER D 148 37.75 -8.66 -1.92
CA SER D 148 39.00 -9.39 -1.55
C SER D 148 40.23 -8.49 -1.74
N ARG D 149 40.14 -7.51 -2.66
CA ARG D 149 41.19 -6.49 -2.93
C ARG D 149 41.24 -5.46 -1.80
N TYR D 150 40.10 -4.95 -1.32
CA TYR D 150 39.99 -4.12 -0.08
C TYR D 150 40.38 -4.98 1.12
N ASN D 151 40.02 -6.27 1.10
CA ASN D 151 40.34 -7.25 2.17
C ASN D 151 41.85 -7.52 2.23
N SER D 152 42.60 -7.18 1.18
CA SER D 152 44.10 -7.27 1.15
C SER D 152 44.75 -5.87 1.22
N SER D 153 44.30 -4.94 0.36
CA SER D 153 44.88 -3.57 0.26
C SER D 153 44.35 -2.67 1.38
N GLN D 154 43.22 -3.02 1.99
CA GLN D 154 42.51 -2.24 3.07
C GLN D 154 42.25 -0.81 2.58
N ALA D 155 42.41 -0.55 1.28
CA ALA D 155 42.16 0.76 0.63
C ALA D 155 40.86 0.65 -0.18
N ALA D 156 39.96 1.62 0.02
CA ALA D 156 38.62 1.71 -0.63
C ALA D 156 38.74 1.33 -2.11
N GLN D 157 37.81 0.50 -2.59
CA GLN D 157 37.64 0.18 -4.04
C GLN D 157 36.56 1.07 -4.65
N ILE D 158 36.78 1.49 -5.90
CA ILE D 158 35.80 2.27 -6.72
C ILE D 158 35.79 1.68 -8.12
N MET D 159 34.72 0.99 -8.47
CA MET D 159 34.56 0.39 -9.82
C MET D 159 34.48 1.53 -10.82
N VAL D 160 35.15 1.40 -11.96
CA VAL D 160 35.16 2.40 -13.06
C VAL D 160 35.22 1.67 -14.40
N GLU D 161 34.72 2.30 -15.46
CA GLU D 161 34.89 1.83 -16.85
C GLU D 161 34.82 3.05 -17.77
N ALA D 162 35.46 2.94 -18.94
CA ALA D 162 35.64 4.01 -19.95
C ALA D 162 34.27 4.42 -20.50
N VAL D 163 34.14 5.67 -20.93
CA VAL D 163 32.94 6.21 -21.64
C VAL D 163 33.39 7.22 -22.69
N PRO D 164 32.62 7.37 -23.79
CA PRO D 164 32.92 8.38 -24.81
C PRO D 164 33.07 9.78 -24.20
N ASP D 165 34.15 10.49 -24.53
CA ASP D 165 34.62 11.71 -23.82
C ASP D 165 33.46 12.73 -23.65
N HIS D 166 32.44 12.70 -24.51
CA HIS D 166 31.32 13.67 -24.52
C HIS D 166 30.23 13.26 -23.51
N LEU D 167 30.15 11.99 -23.13
CA LEU D 167 29.17 11.51 -22.10
C LEU D 167 29.79 11.56 -20.70
N VAL D 168 31.07 11.90 -20.59
CA VAL D 168 31.78 12.02 -19.27
C VAL D 168 31.09 13.11 -18.44
N ASP D 169 30.36 14.00 -19.13
CA ASP D 169 29.47 15.06 -18.58
C ASP D 169 28.79 14.61 -17.28
N GLN D 170 28.25 13.38 -17.24
CA GLN D 170 27.15 12.99 -16.32
C GLN D 170 27.51 11.73 -15.51
N TYR D 171 28.78 11.58 -15.11
CA TYR D 171 29.22 10.60 -14.10
C TYR D 171 30.18 11.28 -13.12
N GLY D 172 30.66 10.53 -12.13
CA GLY D 172 31.87 10.87 -11.36
C GLY D 172 33.09 10.39 -12.10
N ILE D 173 34.14 11.21 -12.20
CA ILE D 173 35.39 10.82 -12.92
C ILE D 173 36.59 10.87 -11.94
N VAL D 174 37.51 9.94 -12.16
CA VAL D 174 38.63 9.55 -11.27
C VAL D 174 39.95 9.82 -12.00
N ASP D 175 40.93 10.44 -11.35
CA ASP D 175 42.23 10.75 -11.99
C ASP D 175 43.23 9.64 -11.61
N VAL D 176 44.00 9.20 -12.62
CA VAL D 176 44.81 7.94 -12.60
C VAL D 176 46.20 8.24 -13.17
N ALA D 177 47.24 7.53 -12.71
CA ALA D 177 48.60 7.50 -13.29
C ALA D 177 48.60 6.56 -14.51
N GLN D 178 49.04 5.30 -14.36
CA GLN D 178 48.90 4.24 -15.39
C GLN D 178 47.45 3.74 -15.38
N SER D 179 46.71 3.91 -16.49
CA SER D 179 45.26 3.59 -16.66
C SER D 179 44.96 2.14 -16.29
N PRO D 180 44.38 1.90 -15.09
CA PRO D 180 44.20 0.54 -14.56
C PRO D 180 43.63 -0.47 -15.57
N ASN D 181 44.08 -1.73 -15.50
CA ASN D 181 43.77 -2.80 -16.49
C ASN D 181 42.52 -3.58 -16.04
N GLU D 182 41.94 -4.36 -16.97
CA GLU D 182 40.61 -5.04 -16.82
C GLU D 182 40.69 -6.09 -15.70
N GLY D 183 40.07 -5.80 -14.55
CA GLY D 183 40.12 -6.64 -13.34
C GLY D 183 41.22 -6.21 -12.39
N GLU D 184 41.90 -5.10 -12.69
CA GLU D 184 43.02 -4.54 -11.88
C GLU D 184 42.51 -3.35 -11.07
N SER D 185 43.13 -3.09 -9.91
CA SER D 185 42.98 -1.84 -9.12
C SER D 185 44.27 -1.01 -9.24
N ILE D 186 44.19 0.29 -9.02
CA ILE D 186 45.30 1.28 -9.25
C ILE D 186 45.00 2.52 -8.43
N ALA D 187 45.96 2.97 -7.62
CA ALA D 187 45.81 4.16 -6.76
C ALA D 187 45.25 5.33 -7.59
N MET D 188 44.52 6.23 -6.96
CA MET D 188 43.99 7.46 -7.59
C MET D 188 44.40 8.72 -6.81
N GLN D 189 44.46 9.86 -7.50
CA GLN D 189 44.95 11.15 -7.00
C GLN D 189 43.76 12.04 -6.60
N GLY D 190 42.54 11.68 -7.04
CA GLY D 190 41.30 12.46 -6.82
C GLY D 190 40.08 11.90 -7.57
N ILE D 191 38.90 12.45 -7.27
CA ILE D 191 37.59 12.09 -7.90
C ILE D 191 36.81 13.39 -8.03
N VAL D 192 35.98 13.55 -9.07
CA VAL D 192 35.09 14.74 -9.22
C VAL D 192 33.76 14.33 -9.83
N GLU D 193 32.67 14.98 -9.39
CA GLU D 193 31.27 14.66 -9.74
C GLU D 193 30.84 15.49 -10.95
N LYS D 194 30.19 14.83 -11.93
CA LYS D 194 29.56 15.45 -13.12
C LYS D 194 30.42 16.62 -13.60
N PRO D 195 31.70 16.38 -14.02
CA PRO D 195 32.56 17.46 -14.48
C PRO D 195 32.24 17.88 -15.92
N PRO D 196 32.55 19.14 -16.30
CA PRO D 196 32.18 19.68 -17.61
C PRO D 196 32.93 18.96 -18.74
N VAL D 197 32.23 18.75 -19.86
CA VAL D 197 32.73 17.96 -21.04
C VAL D 197 33.99 18.64 -21.59
N GLY D 198 35.14 17.96 -21.51
CA GLY D 198 36.46 18.60 -21.61
C GLY D 198 36.82 19.24 -20.28
N ALA D 199 38.06 19.04 -19.82
CA ALA D 199 38.57 19.42 -18.48
C ALA D 199 37.96 18.49 -17.42
N ALA D 200 38.04 17.19 -17.69
CA ALA D 200 37.80 16.08 -16.74
C ALA D 200 39.00 15.13 -16.80
N PRO D 201 39.62 14.80 -15.64
CA PRO D 201 40.90 14.08 -15.64
C PRO D 201 41.05 12.77 -16.45
N SER D 202 39.97 12.13 -16.89
CA SER D 202 40.05 10.87 -17.69
C SER D 202 38.70 10.58 -18.33
N ASN D 203 38.60 9.44 -19.02
CA ASN D 203 37.35 8.88 -19.62
C ASN D 203 36.79 7.77 -18.71
N LEU D 204 37.28 7.66 -17.47
CA LEU D 204 36.91 6.59 -16.50
C LEU D 204 35.85 7.13 -15.53
N SER D 205 34.62 6.63 -15.66
CA SER D 205 33.41 7.05 -14.90
C SER D 205 33.20 6.12 -13.72
N VAL D 206 32.81 6.65 -12.56
CA VAL D 206 32.34 5.84 -11.40
C VAL D 206 31.10 5.06 -11.86
N VAL D 207 31.12 3.73 -11.79
CA VAL D 207 30.07 2.84 -12.38
C VAL D 207 28.83 2.84 -11.48
N GLY D 208 29.02 2.66 -10.17
CA GLY D 208 27.92 2.47 -9.21
C GLY D 208 28.23 1.45 -8.13
N ARG D 209 29.40 0.82 -8.17
CA ARG D 209 29.89 -0.12 -7.12
C ARG D 209 31.03 0.56 -6.37
N TYR D 210 30.96 0.54 -5.04
CA TYR D 210 32.00 1.05 -4.12
C TYR D 210 32.19 0.01 -3.01
N VAL D 211 33.40 -0.09 -2.45
CA VAL D 211 33.67 -0.64 -1.08
C VAL D 211 34.34 0.48 -0.28
N LEU D 212 33.78 0.83 0.87
CA LEU D 212 34.21 2.00 1.67
C LEU D 212 34.55 1.54 3.09
N PRO D 213 35.34 2.32 3.87
CA PRO D 213 35.39 2.13 5.32
C PRO D 213 34.31 2.92 6.08
N ALA D 214 33.93 2.46 7.27
CA ALA D 214 32.88 3.06 8.12
C ALA D 214 33.37 4.43 8.60
N LYS D 215 34.59 4.82 8.23
CA LYS D 215 35.16 6.19 8.39
C LYS D 215 34.36 7.18 7.53
N ILE D 216 33.88 6.74 6.36
CA ILE D 216 33.23 7.57 5.30
C ILE D 216 31.98 8.26 5.85
N MET D 217 31.33 7.69 6.86
CA MET D 217 30.08 8.23 7.48
C MET D 217 30.37 9.58 8.17
N GLN D 218 31.57 9.75 8.71
CA GLN D 218 31.99 10.98 9.44
C GLN D 218 32.52 12.01 8.43
N LEU D 219 32.99 11.55 7.26
CA LEU D 219 33.31 12.46 6.12
C LEU D 219 32.00 12.96 5.53
N LEU D 220 31.02 12.06 5.34
CA LEU D 220 29.66 12.40 4.79
C LEU D 220 28.91 13.31 5.76
N GLU D 221 29.20 13.24 7.06
CA GLU D 221 28.55 14.09 8.08
C GLU D 221 28.97 15.55 7.82
N ASN D 222 30.19 15.78 7.34
CA ASN D 222 30.77 17.13 7.06
C ASN D 222 30.48 17.56 5.63
N THR D 223 30.82 16.71 4.65
CA THR D 223 30.69 16.94 3.17
C THR D 223 29.46 17.79 2.85
N PRO D 224 29.64 19.00 2.31
CA PRO D 224 28.51 19.85 1.93
C PRO D 224 28.00 19.63 0.50
N LYS D 225 26.79 20.13 0.26
CA LYS D 225 26.05 20.17 -1.04
C LYS D 225 27.06 20.46 -2.16
N GLY D 226 27.19 19.56 -3.14
CA GLY D 226 28.21 19.66 -4.20
C GLY D 226 27.74 19.16 -5.57
N ALA D 227 26.51 19.52 -5.99
CA ALA D 227 25.96 19.21 -7.34
C ALA D 227 24.70 20.04 -7.59
N GLY D 228 23.52 19.54 -7.23
CA GLY D 228 22.24 20.29 -7.32
C GLY D 228 21.82 20.78 -5.95
N ASN D 229 22.78 21.31 -5.18
CA ASN D 229 22.68 21.49 -3.71
C ASN D 229 22.50 20.10 -3.07
N GLU D 230 23.10 19.07 -3.70
CA GLU D 230 22.94 17.63 -3.34
C GLU D 230 24.26 17.08 -2.78
N ILE D 231 24.21 16.48 -1.58
CA ILE D 231 25.37 15.85 -0.90
C ILE D 231 25.87 14.71 -1.78
N GLN D 232 27.16 14.70 -2.14
CA GLN D 232 27.72 13.68 -3.07
C GLN D 232 28.56 12.68 -2.28
N LEU D 233 28.64 11.45 -2.79
CA LEU D 233 29.48 10.39 -2.18
C LEU D 233 30.93 10.63 -2.61
N THR D 234 31.10 10.97 -3.88
CA THR D 234 32.40 11.35 -4.51
C THR D 234 33.10 12.42 -3.68
N ASP D 235 32.37 13.44 -3.21
CA ASP D 235 32.91 14.60 -2.44
C ASP D 235 33.36 14.14 -1.05
N ALA D 236 32.96 12.94 -0.62
CA ALA D 236 33.42 12.30 0.64
C ALA D 236 34.53 11.29 0.34
N ILE D 237 34.56 10.74 -0.88
CA ILE D 237 35.67 9.91 -1.44
C ILE D 237 36.88 10.81 -1.72
N ALA D 238 36.66 12.07 -2.11
CA ALA D 238 37.70 13.12 -2.17
C ALA D 238 38.33 13.21 -0.76
N MET D 239 37.54 13.68 0.21
CA MET D 239 37.95 13.93 1.62
C MET D 239 38.70 12.73 2.19
N LEU D 240 38.46 11.52 1.67
CA LEU D 240 39.15 10.27 2.12
C LEU D 240 40.56 10.18 1.51
N GLN D 241 40.70 10.53 0.23
CA GLN D 241 41.99 10.50 -0.52
C GLN D 241 43.00 11.45 0.16
N ASP D 242 42.50 12.48 0.86
CA ASP D 242 43.27 13.43 1.72
C ASP D 242 44.13 12.67 2.74
N THR D 243 43.56 11.71 3.46
CA THR D 243 44.23 10.96 4.56
C THR D 243 44.72 9.58 4.06
N ASP D 244 43.81 8.72 3.61
CA ASP D 244 44.08 7.28 3.30
C ASP D 244 44.09 7.07 1.79
N THR D 245 44.85 6.07 1.32
CA THR D 245 44.95 5.67 -0.10
C THR D 245 43.61 5.10 -0.55
N VAL D 246 43.13 5.54 -1.70
CA VAL D 246 41.88 5.05 -2.36
C VAL D 246 42.27 4.48 -3.72
N GLU D 247 41.63 3.41 -4.17
CA GLU D 247 41.97 2.76 -5.47
C GLU D 247 40.78 2.83 -6.44
N ALA D 248 41.04 2.54 -7.72
CA ALA D 248 40.05 2.47 -8.81
C ALA D 248 40.14 1.08 -9.47
N TYR D 249 39.26 0.17 -9.07
CA TYR D 249 39.06 -1.14 -9.74
C TYR D 249 38.39 -0.88 -11.10
N ARG D 250 38.90 -1.49 -12.16
CA ARG D 250 38.28 -1.43 -13.52
C ARG D 250 37.44 -2.68 -13.77
N MET D 251 36.29 -2.52 -14.42
CA MET D 251 35.30 -3.60 -14.69
C MET D 251 35.91 -4.71 -15.56
N GLN D 252 35.77 -5.96 -15.10
CA GLN D 252 35.98 -7.19 -15.91
C GLN D 252 34.67 -7.52 -16.64
N GLY D 253 33.51 -7.13 -16.10
CA GLY D 253 32.19 -7.54 -16.62
C GLY D 253 31.67 -6.60 -17.70
N GLN D 254 30.33 -6.56 -17.89
CA GLN D 254 29.60 -5.59 -18.76
C GLN D 254 28.43 -5.04 -17.94
N THR D 255 28.03 -3.78 -18.18
CA THR D 255 27.13 -3.00 -17.28
C THR D 255 25.94 -2.44 -18.06
N PHE D 256 24.81 -2.21 -17.41
CA PHE D 256 23.64 -1.54 -18.02
C PHE D 256 23.10 -0.46 -17.07
N ASP D 257 22.62 0.64 -17.66
CA ASP D 257 21.86 1.70 -16.95
C ASP D 257 20.39 1.54 -17.31
N CYS D 258 19.60 1.03 -16.37
CA CYS D 258 18.11 0.96 -16.44
C CYS D 258 17.54 2.35 -16.12
N GLY D 259 18.39 3.28 -15.68
CA GLY D 259 18.08 4.73 -15.71
C GLY D 259 17.69 5.13 -17.11
N SER D 260 18.58 4.86 -18.08
CA SER D 260 18.37 5.12 -19.53
C SER D 260 17.22 4.22 -20.03
N LYS D 261 16.42 4.73 -20.96
CA LYS D 261 15.32 3.96 -21.61
C LYS D 261 15.93 2.96 -22.59
N LEU D 262 17.15 3.24 -23.07
CA LEU D 262 17.87 2.40 -24.06
C LEU D 262 18.74 1.35 -23.34
N GLY D 263 19.38 1.75 -22.24
CA GLY D 263 20.13 0.87 -21.33
C GLY D 263 19.27 -0.28 -20.83
N TYR D 264 18.02 0.01 -20.43
CA TYR D 264 17.01 -1.01 -20.03
C TYR D 264 16.87 -2.02 -21.17
N LEU D 265 16.40 -1.55 -22.33
CA LEU D 265 16.12 -2.39 -23.53
C LEU D 265 17.35 -3.23 -23.87
N LYS D 266 18.56 -2.74 -23.59
CA LYS D 266 19.82 -3.49 -23.86
C LYS D 266 19.91 -4.66 -22.88
N ALA D 267 19.70 -4.42 -21.58
CA ALA D 267 19.76 -5.43 -20.48
C ALA D 267 18.73 -6.54 -20.70
N VAL D 268 17.51 -6.18 -21.13
CA VAL D 268 16.42 -7.15 -21.51
C VAL D 268 16.90 -8.03 -22.67
N LEU D 269 17.69 -7.48 -23.60
CA LEU D 269 18.20 -8.24 -24.79
C LEU D 269 19.26 -9.24 -24.33
N HIS D 270 20.29 -8.79 -23.59
CA HIS D 270 21.44 -9.63 -23.15
C HIS D 270 20.97 -10.71 -22.18
N TYR D 271 20.58 -10.33 -20.96
CA TYR D 271 19.96 -11.23 -19.95
C TYR D 271 18.85 -12.06 -20.61
N GLY D 272 18.13 -11.47 -21.58
CA GLY D 272 17.20 -12.18 -22.49
C GLY D 272 17.78 -13.48 -23.00
N LEU D 273 18.79 -13.41 -23.88
CA LEU D 273 19.42 -14.59 -24.58
C LEU D 273 20.09 -15.50 -23.54
N GLU D 274 20.73 -14.90 -22.54
CA GLU D 274 21.51 -15.60 -21.50
C GLU D 274 20.53 -16.28 -20.53
N HIS D 275 19.24 -16.00 -20.62
CA HIS D 275 18.20 -16.61 -19.74
C HIS D 275 18.22 -18.12 -19.92
N PRO D 276 18.14 -18.87 -18.80
CA PRO D 276 18.16 -20.33 -18.84
C PRO D 276 17.11 -20.89 -19.81
N LYS D 277 15.83 -20.71 -19.44
CA LYS D 277 14.65 -21.42 -20.01
C LYS D 277 14.17 -20.74 -21.28
N LEU D 278 14.37 -19.43 -21.42
CA LEU D 278 13.71 -18.58 -22.45
C LEU D 278 14.67 -18.20 -23.58
N GLY D 279 15.96 -18.03 -23.26
CA GLY D 279 16.99 -17.54 -24.20
C GLY D 279 16.93 -18.28 -25.52
N MET D 280 16.78 -19.60 -25.43
CA MET D 280 16.77 -20.51 -26.61
C MET D 280 15.65 -20.08 -27.56
N GLU D 281 14.41 -20.00 -27.07
CA GLU D 281 13.22 -19.65 -27.90
C GLU D 281 13.26 -18.15 -28.23
N PHE D 282 13.74 -17.32 -27.28
CA PHE D 282 13.86 -15.85 -27.44
C PHE D 282 14.74 -15.55 -28.64
N LYS D 283 15.88 -16.23 -28.74
CA LYS D 283 16.85 -16.13 -29.87
C LYS D 283 16.13 -16.36 -31.20
N GLN D 284 15.04 -17.15 -31.19
CA GLN D 284 14.24 -17.50 -32.41
C GLN D 284 13.30 -16.33 -32.74
N LEU D 285 12.59 -15.81 -31.74
CA LEU D 285 11.63 -14.67 -31.86
C LEU D 285 12.30 -13.52 -32.62
N ILE D 286 13.52 -13.17 -32.19
CA ILE D 286 14.36 -12.07 -32.76
C ILE D 286 14.44 -12.25 -34.27
N LEU D 287 14.93 -13.43 -34.69
CA LEU D 287 15.29 -13.76 -36.10
C LEU D 287 14.04 -13.69 -36.99
N GLU D 288 12.84 -13.64 -36.41
CA GLU D 288 11.56 -13.47 -37.14
C GLU D 288 11.19 -11.98 -37.18
#